data_8VQE
#
_entry.id   8VQE
#
_cell.length_a   1.00
_cell.length_b   1.00
_cell.length_c   1.00
_cell.angle_alpha   90.00
_cell.angle_beta   90.00
_cell.angle_gamma   90.00
#
_symmetry.space_group_name_H-M   'P 1'
#
loop_
_entity.id
_entity.type
_entity.pdbx_description
1 polymer 'Receptor tyrosine-protein kinase erbB-2/hIgG1 Fc domain fusion'
2 branched 2-acetamido-2-deoxy-beta-D-glucopyranose-(1-4)-2-acetamido-2-deoxy-beta-D-glucopyranose
#
_entity_poly.entity_id   1
_entity_poly.type   'polypeptide(L)'
_entity_poly.pdbx_seq_one_letter_code
;TQVCTGTDMKLRLPASPETHLDMLRHLYQGCQVVQGNLELTYLPTNASLSFLQDIQEVQGYVLIAHNQVRQVPLQRLRIV
RGTQLFEDNYALAVLDNGDPLNNTTPVTGASPGGLRELQLRSLTEILKGGVLIQRNPQLCYQDTILWKDIFHKNNQLALT
LIDTNRSRACHPCSPMCKGSRCWGESSEDCQSLTRTVCAGGCARCKGPLPTDCCHEQCAAGCTGPKHSDCLACLHFNHSG
ICELHCPALVTYNTDTFESMPNPEGRYTFGASCVTACPYNYLSTDVGFCTLVCPLHNQEVTAEDGTQRCEKCSKPCARVC
YGLGMEHLREVRAVTSANIQEFAGCKKIFGSLAFLPESFDGDPASNTAPLQPEQLQVFETLEEITGYLYISAWPDSLPDL
SVFQNLQVIRGRILHNGAYSLTLQGLGISWLGLRSLRELGSGLALIHHNTHLCFVHTVPWDQLFRNPHQALLHTANRPED
ECVGEGLACHQLCARGHCWGPGPTQCVNCSQFLRGQECVEECRVLQGLPREYVNARHCLPCHPECQPQNGSVTCFGPEAD
QCVACAHYKDPPFCVARCPSGVKPDLSYMPIWKFPDEEGACQPCPINCTHSCVDLDDKGCPAEQRASPLTPGSRSPKSCD
KTHTCPPCPAPELLGGPSVFLFPPKPKDTLMISRTPEVTCVVVDVSHEDPEVKFNWYVDGVEVHNAKTKPREEQYNSTYR
VVSVLTVLHQDWLNGKEYKCKVSNKALPAPIEKTISKAKGQPREPQVYTLPPSREEMTKNQVSLTCLVKGFYPSDIAVEW
ESNGQPENNYKTTPPVLDSDGSFFLYSKLTVDKSRWQQGNVFSCSVMHEALHNHYTQKSLSLSPGKLEGGGGLNDIFEAQ
KIEWHESRHHHHHH
;
_entity_poly.pdbx_strand_id   A,B
#
# COMPACT_ATOMS: atom_id res chain seq x y z
N GLN A 2 4.79 0.24 -26.66
CA GLN A 2 4.26 1.53 -26.26
C GLN A 2 5.19 2.23 -25.28
N VAL A 3 5.73 1.46 -24.34
CA VAL A 3 6.71 1.96 -23.38
C VAL A 3 8.06 1.32 -23.69
N CYS A 4 9.13 2.02 -23.32
CA CYS A 4 10.48 1.55 -23.61
C CYS A 4 11.44 2.18 -22.63
N THR A 5 12.63 1.59 -22.55
CA THR A 5 13.70 2.10 -21.71
C THR A 5 14.71 2.84 -22.58
N GLY A 6 15.41 3.78 -21.96
CA GLY A 6 16.39 4.60 -22.66
C GLY A 6 17.76 3.99 -22.67
N THR A 7 18.78 4.85 -22.71
CA THR A 7 20.16 4.43 -22.79
C THR A 7 20.99 5.19 -21.77
N ASP A 8 22.11 4.59 -21.36
CA ASP A 8 23.01 5.17 -20.39
C ASP A 8 24.35 5.56 -21.04
N MET A 9 24.36 5.76 -22.36
CA MET A 9 25.62 6.03 -23.05
C MET A 9 26.29 7.29 -22.52
N LYS A 10 25.51 8.34 -22.25
CA LYS A 10 26.00 9.53 -21.54
C LYS A 10 27.23 10.15 -22.19
N LEU A 11 27.17 10.31 -23.52
CA LEU A 11 28.15 10.98 -24.37
C LEU A 11 29.34 10.08 -24.74
N ARG A 12 29.36 8.83 -24.30
CA ARG A 12 30.39 7.90 -24.73
C ARG A 12 30.17 7.49 -26.18
N LEU A 13 31.25 7.11 -26.85
CA LEU A 13 31.17 6.78 -28.26
C LEU A 13 30.47 5.44 -28.44
N PRO A 14 29.66 5.29 -29.50
CA PRO A 14 28.98 4.01 -29.72
C PRO A 14 29.98 2.87 -29.81
N ALA A 15 29.65 1.76 -29.16
CA ALA A 15 30.50 0.59 -29.24
C ALA A 15 30.56 0.04 -30.65
N SER A 16 29.42 0.01 -31.35
CA SER A 16 29.35 -0.44 -32.73
C SER A 16 28.68 0.66 -33.55
N PRO A 17 29.47 1.61 -34.06
CA PRO A 17 28.88 2.68 -34.87
C PRO A 17 28.15 2.16 -36.10
N GLU A 18 28.60 1.05 -36.67
CA GLU A 18 27.99 0.53 -37.89
C GLU A 18 26.53 0.13 -37.67
N THR A 19 26.15 -0.16 -36.42
CA THR A 19 24.77 -0.53 -36.09
C THR A 19 24.14 0.38 -35.05
N HIS A 20 24.76 1.54 -34.78
CA HIS A 20 24.23 2.44 -33.76
C HIS A 20 22.83 2.89 -34.11
N LEU A 21 22.60 3.28 -35.36
CA LEU A 21 21.27 3.73 -35.78
C LEU A 21 20.24 2.62 -35.63
N ASP A 22 20.61 1.38 -35.99
CA ASP A 22 19.68 0.26 -35.85
C ASP A 22 19.30 0.05 -34.40
N MET A 23 20.25 0.21 -33.47
CA MET A 23 19.95 0.05 -32.06
C MET A 23 18.87 1.03 -31.62
N LEU A 24 19.02 2.29 -32.01
CA LEU A 24 18.04 3.31 -31.61
C LEU A 24 16.67 3.02 -32.20
N ARG A 25 16.61 2.59 -33.46
CA ARG A 25 15.33 2.29 -34.09
C ARG A 25 14.63 1.14 -33.38
N HIS A 26 15.37 0.09 -33.04
CA HIS A 26 14.78 -1.03 -32.30
C HIS A 26 14.31 -0.58 -30.92
N LEU A 27 15.07 0.30 -30.28
CA LEU A 27 14.72 0.74 -28.93
C LEU A 27 13.51 1.67 -28.92
N TYR A 28 13.27 2.40 -30.00
CA TYR A 28 12.32 3.50 -29.98
C TYR A 28 11.20 3.41 -31.01
N GLN A 29 11.25 2.47 -31.95
CA GLN A 29 10.15 2.31 -32.88
C GLN A 29 8.85 2.02 -32.12
N GLY A 30 7.87 2.90 -32.26
CA GLY A 30 6.58 2.72 -31.64
C GLY A 30 6.49 3.21 -30.22
N CYS A 31 7.62 3.48 -29.57
CA CYS A 31 7.63 3.83 -28.16
C CYS A 31 7.01 5.20 -27.95
N GLN A 32 6.20 5.31 -26.91
CA GLN A 32 5.60 6.59 -26.50
C GLN A 32 6.18 7.15 -25.23
N VAL A 33 6.48 6.31 -24.25
CA VAL A 33 7.03 6.73 -22.96
C VAL A 33 8.42 6.14 -22.84
N VAL A 34 9.43 7.01 -22.71
CA VAL A 34 10.81 6.58 -22.54
C VAL A 34 11.07 6.49 -21.04
N GLN A 35 11.03 5.27 -20.51
CA GLN A 35 11.33 5.03 -19.10
C GLN A 35 12.85 5.04 -18.90
N GLY A 36 13.41 6.23 -19.02
CA GLY A 36 14.84 6.42 -18.92
C GLY A 36 15.25 7.64 -19.71
N ASN A 37 16.54 7.68 -20.05
CA ASN A 37 17.11 8.83 -20.74
C ASN A 37 17.01 8.63 -22.25
N LEU A 38 16.55 9.67 -22.95
CA LEU A 38 16.50 9.66 -24.40
C LEU A 38 17.78 10.29 -24.92
N GLU A 39 18.71 9.46 -25.38
CA GLU A 39 20.03 9.90 -25.80
C GLU A 39 20.16 9.68 -27.30
N LEU A 40 20.36 10.77 -28.03
CA LEU A 40 20.47 10.75 -29.48
C LEU A 40 21.82 11.36 -29.83
N THR A 41 22.81 10.51 -30.07
CA THR A 41 24.18 10.97 -30.23
C THR A 41 24.85 10.32 -31.44
N TYR A 42 25.84 11.03 -31.98
CA TYR A 42 26.63 10.58 -33.12
C TYR A 42 25.77 10.05 -34.26
N LEU A 43 24.69 10.77 -34.56
CA LEU A 43 23.82 10.43 -35.68
C LEU A 43 24.32 11.12 -36.95
N PRO A 44 24.47 10.39 -38.05
CA PRO A 44 25.03 10.99 -39.26
C PRO A 44 24.00 11.83 -40.01
N THR A 45 24.50 12.63 -40.95
CA THR A 45 23.63 13.43 -41.81
C THR A 45 22.69 12.53 -42.58
N ASN A 46 21.44 12.97 -42.73
CA ASN A 46 20.38 12.30 -43.48
C ASN A 46 19.88 11.04 -42.79
N ALA A 47 20.20 10.85 -41.51
CA ALA A 47 19.72 9.68 -40.79
C ALA A 47 18.20 9.69 -40.71
N SER A 48 17.60 8.53 -40.89
CA SER A 48 16.14 8.39 -40.83
C SER A 48 15.72 8.21 -39.37
N LEU A 49 15.29 9.30 -38.75
CA LEU A 49 14.89 9.31 -37.35
C LEU A 49 13.39 9.34 -37.17
N SER A 50 12.63 8.86 -38.16
CA SER A 50 11.17 8.91 -38.09
C SER A 50 10.64 8.11 -36.90
N PHE A 51 11.38 7.11 -36.44
CA PHE A 51 10.89 6.24 -35.37
C PHE A 51 10.69 6.99 -34.06
N LEU A 52 11.24 8.19 -33.92
CA LEU A 52 11.09 8.96 -32.70
C LEU A 52 9.78 9.74 -32.64
N GLN A 53 8.94 9.67 -33.67
CA GLN A 53 7.82 10.59 -33.78
C GLN A 53 6.64 10.25 -32.88
N ASP A 54 6.67 9.11 -32.19
CA ASP A 54 5.61 8.76 -31.26
C ASP A 54 5.97 9.06 -29.80
N ILE A 55 7.19 9.51 -29.53
CA ILE A 55 7.62 9.70 -28.14
C ILE A 55 6.95 10.93 -27.57
N GLN A 56 6.24 10.74 -26.46
CA GLN A 56 5.52 11.81 -25.78
C GLN A 56 6.15 12.20 -24.46
N GLU A 57 6.69 11.23 -23.72
CA GLU A 57 7.16 11.47 -22.36
C GLU A 57 8.51 10.78 -22.16
N VAL A 58 9.47 11.51 -21.62
CA VAL A 58 10.78 10.98 -21.29
C VAL A 58 10.95 11.07 -19.79
N GLN A 59 11.20 9.92 -19.16
CA GLN A 59 11.29 9.89 -17.70
C GLN A 59 12.60 10.51 -17.21
N GLY A 60 13.70 10.21 -17.88
CA GLY A 60 14.99 10.74 -17.49
C GLY A 60 15.29 12.09 -18.12
N TYR A 61 16.44 12.20 -18.76
CA TYR A 61 16.83 13.41 -19.48
C TYR A 61 16.84 13.14 -20.98
N VAL A 62 16.83 14.24 -21.74
CA VAL A 62 16.95 14.19 -23.20
C VAL A 62 18.31 14.75 -23.58
N LEU A 63 19.14 13.90 -24.18
CA LEU A 63 20.50 14.27 -24.56
C LEU A 63 20.64 14.17 -26.08
N ILE A 64 20.71 15.32 -26.74
CA ILE A 64 20.99 15.39 -28.17
C ILE A 64 22.39 15.95 -28.31
N ALA A 65 23.31 15.18 -28.89
CA ALA A 65 24.69 15.63 -28.90
C ALA A 65 25.45 14.99 -30.05
N HIS A 66 26.44 15.73 -30.57
CA HIS A 66 27.40 15.23 -31.55
C HIS A 66 26.71 14.67 -32.79
N ASN A 67 25.67 15.34 -33.24
CA ASN A 67 24.88 14.90 -34.38
C ASN A 67 25.06 15.86 -35.55
N GLN A 68 24.96 15.31 -36.76
CA GLN A 68 24.93 16.10 -37.98
C GLN A 68 23.55 16.18 -38.60
N VAL A 69 22.56 15.50 -38.01
CA VAL A 69 21.19 15.61 -38.51
C VAL A 69 20.71 17.04 -38.33
N ARG A 70 20.15 17.62 -39.40
CA ARG A 70 19.64 18.98 -39.35
C ARG A 70 18.36 19.09 -38.53
N GLN A 71 17.70 17.98 -38.21
CA GLN A 71 16.45 18.04 -37.47
C GLN A 71 16.25 16.71 -36.74
N VAL A 72 15.63 16.80 -35.57
CA VAL A 72 15.28 15.63 -34.76
C VAL A 72 13.76 15.61 -34.61
N PRO A 73 13.07 14.54 -35.00
CA PRO A 73 11.59 14.49 -34.97
C PRO A 73 11.03 14.22 -33.58
N LEU A 74 11.15 15.21 -32.69
CA LEU A 74 10.66 15.12 -31.32
C LEU A 74 9.47 16.05 -31.08
N GLN A 75 8.72 16.37 -32.13
CA GLN A 75 7.66 17.37 -32.03
C GLN A 75 6.58 16.94 -31.04
N ARG A 76 6.20 15.66 -31.05
CA ARG A 76 5.16 15.17 -30.16
C ARG A 76 5.56 15.19 -28.69
N LEU A 77 6.84 15.22 -28.38
CA LEU A 77 7.28 15.13 -26.99
C LEU A 77 6.67 16.25 -26.16
N ARG A 78 6.23 15.90 -24.95
CA ARG A 78 5.47 16.84 -24.13
C ARG A 78 6.09 17.11 -22.78
N ILE A 79 6.59 16.09 -22.08
CA ILE A 79 7.05 16.23 -20.71
C ILE A 79 8.40 15.53 -20.57
N VAL A 80 9.35 16.18 -19.91
CA VAL A 80 10.61 15.58 -19.51
C VAL A 80 10.64 15.60 -17.99
N ARG A 81 10.44 14.44 -17.37
CA ARG A 81 10.31 14.39 -15.92
C ARG A 81 11.61 14.71 -15.21
N GLY A 82 12.74 14.39 -15.82
CA GLY A 82 14.02 14.69 -15.21
C GLY A 82 14.33 13.91 -13.96
N THR A 83 13.76 12.70 -13.82
CA THR A 83 14.06 11.87 -12.67
C THR A 83 15.53 11.46 -12.66
N GLN A 84 16.20 11.55 -13.80
CA GLN A 84 17.64 11.35 -13.93
C GLN A 84 18.15 12.48 -14.81
N LEU A 85 19.31 13.02 -14.48
CA LEU A 85 19.77 14.26 -15.09
C LEU A 85 21.16 14.09 -15.68
N PHE A 86 21.44 14.89 -16.71
CA PHE A 86 22.72 14.87 -17.40
C PHE A 86 23.61 15.92 -16.74
N GLU A 87 24.70 15.46 -16.11
CA GLU A 87 25.65 16.25 -15.33
C GLU A 87 25.03 16.56 -13.96
N ASP A 88 23.85 16.03 -13.66
CA ASP A 88 23.07 16.16 -12.44
C ASP A 88 22.30 17.47 -12.40
N ASN A 89 22.40 18.32 -13.42
CA ASN A 89 21.76 19.62 -13.41
C ASN A 89 20.85 19.91 -14.59
N TYR A 90 20.83 19.07 -15.63
CA TYR A 90 20.13 19.39 -16.86
C TYR A 90 19.23 18.25 -17.30
N ALA A 91 17.97 18.58 -17.59
CA ALA A 91 17.03 17.60 -18.10
C ALA A 91 17.01 17.57 -19.63
N LEU A 92 17.35 18.68 -20.26
CA LEU A 92 17.47 18.76 -21.73
C LEU A 92 18.85 19.28 -22.05
N ALA A 93 19.67 18.45 -22.70
CA ALA A 93 21.04 18.79 -23.03
C ALA A 93 21.25 18.69 -24.54
N VAL A 94 21.58 19.80 -25.17
CA VAL A 94 21.77 19.88 -26.61
C VAL A 94 23.19 20.40 -26.80
N LEU A 95 24.11 19.52 -27.19
CA LEU A 95 25.54 19.84 -27.13
C LEU A 95 26.25 19.41 -28.41
N ASP A 96 27.13 20.28 -28.91
CA ASP A 96 28.08 19.92 -29.96
C ASP A 96 27.39 19.34 -31.20
N ASN A 97 26.31 19.98 -31.63
CA ASN A 97 25.61 19.55 -32.83
C ASN A 97 26.06 20.39 -34.03
N GLY A 98 27.31 20.18 -34.41
CA GLY A 98 27.91 20.93 -35.50
C GLY A 98 28.47 20.05 -36.60
N GLY A 113 25.39 20.94 -42.12
CA GLY A 113 25.36 19.87 -41.15
C GLY A 113 25.23 20.37 -39.71
N GLY A 114 24.43 19.68 -38.92
CA GLY A 114 24.18 20.06 -37.55
C GLY A 114 22.73 20.46 -37.33
N LEU A 115 22.33 20.45 -36.06
CA LEU A 115 20.95 20.79 -35.71
C LEU A 115 20.64 22.23 -36.05
N ARG A 116 19.47 22.44 -36.66
CA ARG A 116 19.02 23.76 -37.08
C ARG A 116 17.92 24.32 -36.20
N GLU A 117 16.84 23.56 -35.99
CA GLU A 117 15.75 23.96 -35.12
C GLU A 117 15.44 22.84 -34.15
N LEU A 118 15.24 23.19 -32.88
CA LEU A 118 14.86 22.19 -31.89
C LEU A 118 13.50 21.59 -32.21
N GLN A 119 12.53 22.43 -32.59
CA GLN A 119 11.20 21.99 -33.02
C GLN A 119 10.51 21.13 -31.96
N LEU A 120 10.67 21.50 -30.69
CA LEU A 120 9.97 20.82 -29.60
C LEU A 120 8.63 21.50 -29.35
N ARG A 121 7.76 21.39 -30.36
CA ARG A 121 6.50 22.14 -30.35
C ARG A 121 5.63 21.78 -29.14
N SER A 122 5.46 20.48 -28.90
CA SER A 122 4.57 20.05 -27.83
C SER A 122 5.21 20.06 -26.45
N LEU A 123 6.52 20.27 -26.35
CA LEU A 123 7.15 20.31 -25.04
C LEU A 123 6.63 21.48 -24.23
N THR A 124 6.13 21.19 -23.03
CA THR A 124 5.56 22.24 -22.18
C THR A 124 5.80 21.98 -20.70
N GLU A 125 6.73 21.10 -20.33
CA GLU A 125 6.88 20.75 -18.93
C GLU A 125 8.21 20.04 -18.71
N ILE A 126 8.97 20.50 -17.71
CA ILE A 126 10.21 19.88 -17.28
C ILE A 126 10.13 19.80 -15.77
N LEU A 127 9.83 18.62 -15.24
CA LEU A 127 9.56 18.49 -13.81
C LEU A 127 10.81 18.72 -12.97
N LYS A 128 11.97 18.31 -13.45
CA LYS A 128 13.20 18.42 -12.66
C LYS A 128 14.38 18.60 -13.60
N GLY A 129 15.18 19.61 -13.35
CA GLY A 129 16.39 19.86 -14.11
C GLY A 129 16.24 21.05 -15.04
N GLY A 130 17.39 21.48 -15.56
CA GLY A 130 17.47 22.64 -16.41
C GLY A 130 17.73 22.28 -17.86
N VAL A 131 18.21 23.27 -18.61
CA VAL A 131 18.45 23.14 -20.03
C VAL A 131 19.89 23.56 -20.33
N LEU A 132 20.58 22.77 -21.14
CA LEU A 132 21.95 23.04 -21.54
C LEU A 132 22.04 22.97 -23.06
N ILE A 133 22.09 24.13 -23.71
CA ILE A 133 22.25 24.23 -25.16
C ILE A 133 23.57 24.94 -25.43
N GLN A 134 24.57 24.18 -25.89
CA GLN A 134 25.92 24.70 -26.06
C GLN A 134 26.53 24.19 -27.36
N ARG A 135 27.21 25.09 -28.07
CA ARG A 135 28.02 24.76 -29.25
C ARG A 135 27.17 24.08 -30.34
N ASN A 136 26.18 24.82 -30.82
CA ASN A 136 25.34 24.39 -31.94
C ASN A 136 25.38 25.50 -32.99
N PRO A 137 26.36 25.48 -33.88
CA PRO A 137 26.57 26.62 -34.80
C PRO A 137 25.48 26.81 -35.84
N GLN A 138 24.43 25.97 -35.84
CA GLN A 138 23.33 26.13 -36.76
C GLN A 138 21.98 26.32 -36.07
N LEU A 139 21.93 26.21 -34.74
CA LEU A 139 20.69 26.36 -34.01
C LEU A 139 20.29 27.83 -33.95
N CYS A 140 19.13 28.16 -34.53
CA CYS A 140 18.70 29.54 -34.73
C CYS A 140 17.69 30.04 -33.69
N TYR A 141 16.78 29.20 -33.22
CA TYR A 141 15.64 29.71 -32.47
C TYR A 141 15.66 29.33 -30.99
N GLN A 142 16.76 28.77 -30.48
CA GLN A 142 16.79 28.33 -29.10
C GLN A 142 16.74 29.50 -28.12
N ASP A 143 17.00 30.73 -28.58
CA ASP A 143 17.07 31.88 -27.71
C ASP A 143 15.72 32.56 -27.44
N THR A 144 14.73 32.35 -28.30
CA THR A 144 13.45 33.03 -28.16
C THR A 144 12.45 32.28 -27.28
N ILE A 145 12.84 31.13 -26.73
CA ILE A 145 11.93 30.32 -25.93
C ILE A 145 12.00 30.79 -24.48
N LEU A 146 10.83 31.00 -23.88
CA LEU A 146 10.74 31.41 -22.48
C LEU A 146 10.72 30.14 -21.65
N TRP A 147 11.90 29.73 -21.15
CA TRP A 147 12.05 28.45 -20.50
C TRP A 147 11.37 28.39 -19.13
N LYS A 148 11.11 29.54 -18.51
CA LYS A 148 10.45 29.55 -17.21
C LYS A 148 9.02 29.02 -17.30
N ASP A 149 8.42 29.03 -18.48
CA ASP A 149 7.09 28.45 -18.65
C ASP A 149 7.16 26.93 -18.70
N ILE A 150 8.20 26.38 -19.33
CA ILE A 150 8.33 24.93 -19.43
C ILE A 150 8.71 24.34 -18.09
N PHE A 151 9.57 25.01 -17.33
CA PHE A 151 9.94 24.52 -16.02
C PHE A 151 8.71 24.45 -15.12
N HIS A 152 8.70 23.45 -14.23
CA HIS A 152 7.57 23.24 -13.36
C HIS A 152 7.48 24.33 -12.29
N LYS A 153 6.29 24.45 -11.70
CA LYS A 153 6.08 25.41 -10.62
C LYS A 153 6.99 25.13 -9.42
N ASN A 154 7.53 23.92 -9.34
CA ASN A 154 8.39 23.50 -8.24
C ASN A 154 9.79 23.17 -8.73
N ASN A 155 10.16 23.68 -9.90
CA ASN A 155 11.47 23.47 -10.49
C ASN A 155 11.95 24.79 -11.10
N GLN A 156 11.83 25.87 -10.32
CA GLN A 156 12.34 27.16 -10.75
C GLN A 156 13.82 27.34 -10.46
N LEU A 157 14.38 26.53 -9.56
CA LEU A 157 15.82 26.48 -9.35
C LEU A 157 16.57 25.97 -10.58
N ALA A 158 15.85 25.43 -11.57
CA ALA A 158 16.44 24.88 -12.78
C ALA A 158 17.36 25.89 -13.47
N LEU A 159 18.67 25.61 -13.46
CA LEU A 159 19.61 26.45 -14.17
C LEU A 159 19.49 26.22 -15.68
N THR A 160 19.61 27.30 -16.44
CA THR A 160 19.58 27.22 -17.90
C THR A 160 20.79 27.95 -18.47
N LEU A 161 21.65 27.22 -19.16
CA LEU A 161 22.83 27.77 -19.82
C LEU A 161 22.68 27.52 -21.32
N ILE A 162 22.43 28.59 -22.07
CA ILE A 162 22.16 28.50 -23.50
C ILE A 162 23.22 29.30 -24.25
N ASP A 163 23.88 28.65 -25.21
CA ASP A 163 24.91 29.27 -26.02
C ASP A 163 24.27 29.82 -27.29
N THR A 164 24.41 31.13 -27.50
CA THR A 164 23.80 31.81 -28.64
C THR A 164 24.78 32.03 -29.78
N ASN A 165 26.02 31.57 -29.66
CA ASN A 165 27.02 31.76 -30.71
C ASN A 165 26.67 30.84 -31.87
N ARG A 166 25.98 31.37 -32.87
CA ARG A 166 25.45 30.60 -33.99
C ARG A 166 26.07 31.09 -35.28
N SER A 167 26.69 30.17 -36.03
CA SER A 167 27.26 30.53 -37.33
C SER A 167 26.17 30.91 -38.33
N ARG A 168 25.04 30.21 -38.29
CA ARG A 168 23.98 30.40 -39.27
C ARG A 168 23.40 31.81 -39.18
N ALA A 169 23.09 32.40 -40.33
CA ALA A 169 22.30 33.62 -40.34
C ALA A 169 20.86 33.27 -39.95
N CYS A 170 20.35 33.94 -38.92
CA CYS A 170 19.11 33.54 -38.27
C CYS A 170 17.93 34.23 -38.92
N HIS A 171 16.99 33.43 -39.43
CA HIS A 171 15.77 33.96 -40.00
C HIS A 171 14.86 34.50 -38.89
N PRO A 172 14.09 35.55 -39.17
CA PRO A 172 13.20 36.09 -38.14
C PRO A 172 12.09 35.12 -37.77
N CYS A 173 11.62 35.26 -36.53
CA CYS A 173 10.52 34.45 -36.02
C CYS A 173 9.27 34.68 -36.85
N SER A 174 8.49 33.62 -37.05
CA SER A 174 7.38 33.67 -37.99
C SER A 174 6.37 34.74 -37.59
N PRO A 175 5.81 35.47 -38.56
CA PRO A 175 4.77 36.46 -38.23
C PRO A 175 3.61 35.90 -37.43
N MET A 176 2.99 34.82 -37.92
CA MET A 176 1.82 34.25 -37.25
C MET A 176 2.13 33.93 -35.79
N CYS A 177 3.35 33.47 -35.52
CA CYS A 177 3.77 33.22 -34.15
C CYS A 177 3.65 34.48 -33.30
N LYS A 178 3.16 34.33 -32.08
CA LYS A 178 2.98 35.45 -31.17
C LYS A 178 4.09 35.48 -30.13
N GLY A 179 4.16 36.60 -29.41
CA GLY A 179 5.15 36.82 -28.38
C GLY A 179 6.59 36.64 -28.83
N SER A 180 6.80 36.50 -30.14
CA SER A 180 8.12 36.25 -30.73
C SER A 180 8.84 35.09 -30.05
N ARG A 181 8.09 34.09 -29.61
CA ARG A 181 8.64 32.88 -29.01
C ARG A 181 8.33 31.70 -29.93
N CYS A 182 9.36 31.12 -30.52
CA CYS A 182 9.21 30.11 -31.55
C CYS A 182 10.22 28.99 -31.35
N TRP A 183 9.80 27.77 -31.67
CA TRP A 183 10.70 26.63 -31.75
C TRP A 183 11.32 26.47 -33.14
N GLY A 184 10.90 27.29 -34.09
CA GLY A 184 11.38 27.16 -35.46
C GLY A 184 10.77 28.23 -36.32
N GLU A 185 11.13 28.18 -37.61
CA GLU A 185 10.65 29.17 -38.56
C GLU A 185 9.21 28.92 -38.99
N SER A 186 8.71 27.70 -38.81
CA SER A 186 7.35 27.37 -39.24
C SER A 186 6.32 28.05 -38.35
N SER A 187 5.13 28.25 -38.90
CA SER A 187 4.04 28.85 -38.14
C SER A 187 3.63 27.96 -36.98
N GLU A 188 3.55 26.64 -37.20
CA GLU A 188 3.18 25.72 -36.14
C GLU A 188 4.28 25.55 -35.09
N ASP A 189 5.48 26.05 -35.36
CA ASP A 189 6.59 25.97 -34.42
C ASP A 189 6.46 26.95 -33.26
N CYS A 190 5.30 27.56 -33.09
CA CYS A 190 5.12 28.58 -32.06
C CYS A 190 5.03 27.96 -30.68
N GLN A 191 5.64 28.63 -29.71
CA GLN A 191 5.62 28.14 -28.34
C GLN A 191 4.24 28.33 -27.71
N SER A 192 3.80 27.32 -26.96
CA SER A 192 2.53 27.37 -26.24
C SER A 192 2.83 27.63 -24.77
N LEU A 193 2.42 28.79 -24.28
CA LEU A 193 2.75 29.25 -22.94
C LEU A 193 1.61 28.91 -21.99
N THR A 194 1.82 27.91 -21.14
CA THR A 194 0.80 27.43 -20.22
C THR A 194 0.97 28.00 -18.81
N ARG A 195 2.15 27.83 -18.21
CA ARG A 195 2.33 28.18 -16.81
C ARG A 195 2.24 29.68 -16.55
N THR A 196 2.89 30.49 -17.39
CA THR A 196 2.93 31.93 -17.14
C THR A 196 1.56 32.59 -17.28
N VAL A 197 0.76 32.14 -18.26
CA VAL A 197 -0.48 32.82 -18.60
C VAL A 197 -1.46 32.82 -17.43
N CYS A 198 -1.51 31.73 -16.66
CA CYS A 198 -2.53 31.53 -15.63
C CYS A 198 -2.70 32.77 -14.76
N ALA A 199 -3.90 33.34 -14.80
CA ALA A 199 -4.25 34.42 -13.88
C ALA A 199 -4.39 33.89 -12.46
N GLY A 200 -5.13 32.80 -12.28
CA GLY A 200 -5.27 32.19 -10.98
C GLY A 200 -3.97 31.53 -10.54
N GLY A 201 -3.95 31.15 -9.26
CA GLY A 201 -2.79 30.43 -8.76
C GLY A 201 -2.87 28.95 -9.08
N CYS A 202 -2.83 28.63 -10.38
CA CYS A 202 -2.82 27.25 -10.85
C CYS A 202 -1.57 27.02 -11.67
N ALA A 203 -0.98 25.83 -11.55
CA ALA A 203 0.27 25.55 -12.24
C ALA A 203 0.09 25.56 -13.75
N ARG A 204 -0.93 24.88 -14.25
CA ARG A 204 -1.16 24.74 -15.68
C ARG A 204 -2.57 25.20 -16.00
N CYS A 205 -2.70 26.00 -17.07
CA CYS A 205 -3.99 26.51 -17.51
C CYS A 205 -4.08 26.42 -19.03
N LYS A 206 -5.31 26.30 -19.53
CA LYS A 206 -5.52 26.39 -20.97
C LYS A 206 -5.42 27.82 -21.48
N GLY A 207 -5.79 28.78 -20.65
CA GLY A 207 -5.78 30.18 -21.04
C GLY A 207 -5.82 31.11 -19.85
N PRO A 208 -6.04 32.40 -20.11
CA PRO A 208 -6.06 33.38 -19.01
C PRO A 208 -7.17 33.14 -17.99
N LEU A 209 -8.34 32.68 -18.44
CA LEU A 209 -9.49 32.58 -17.56
C LEU A 209 -9.24 31.56 -16.44
N PRO A 210 -9.79 31.79 -15.25
CA PRO A 210 -9.60 30.83 -14.15
C PRO A 210 -10.16 29.45 -14.45
N THR A 211 -11.26 29.37 -15.19
CA THR A 211 -11.85 28.07 -15.52
C THR A 211 -10.86 27.19 -16.28
N ASP A 212 -10.01 27.79 -17.10
CA ASP A 212 -9.04 27.05 -17.91
C ASP A 212 -8.00 26.32 -17.06
N CYS A 213 -7.89 26.63 -15.77
CA CYS A 213 -6.86 26.03 -14.95
C CYS A 213 -7.00 24.52 -14.89
N CYS A 214 -5.87 23.82 -15.02
CA CYS A 214 -5.86 22.37 -15.01
C CYS A 214 -5.91 21.83 -13.58
N HIS A 215 -6.44 20.62 -13.46
CA HIS A 215 -6.50 19.96 -12.16
C HIS A 215 -5.08 19.75 -11.63
N GLU A 216 -4.94 19.80 -10.30
CA GLU A 216 -3.68 19.61 -9.61
C GLU A 216 -2.86 18.47 -10.20
N GLN A 217 -3.52 17.34 -10.50
CA GLN A 217 -2.82 16.20 -11.07
C GLN A 217 -2.27 16.50 -12.45
N CYS A 218 -2.99 17.30 -13.24
CA CYS A 218 -2.59 17.54 -14.63
C CYS A 218 -1.21 18.17 -14.71
N ALA A 219 -0.43 17.73 -15.69
CA ALA A 219 0.88 18.28 -15.97
C ALA A 219 0.99 18.56 -17.46
N ALA A 220 1.86 19.51 -17.81
CA ALA A 220 2.12 19.88 -19.20
C ALA A 220 0.85 20.38 -19.90
N GLY A 221 -0.09 20.92 -19.14
CA GLY A 221 -1.34 21.41 -19.71
C GLY A 221 -2.43 20.36 -19.73
N CYS A 222 -3.66 20.84 -19.91
CA CYS A 222 -4.84 19.98 -19.97
C CYS A 222 -5.67 20.37 -21.19
N THR A 223 -6.11 19.37 -21.96
CA THR A 223 -7.09 19.65 -22.99
C THR A 223 -8.43 20.08 -22.39
N GLY A 224 -8.75 19.64 -21.19
CA GLY A 224 -9.96 20.03 -20.50
C GLY A 224 -9.79 20.07 -19.00
N PRO A 225 -10.75 20.71 -18.30
CA PRO A 225 -10.60 20.89 -16.85
C PRO A 225 -10.52 19.60 -16.05
N LYS A 226 -11.29 18.59 -16.42
CA LYS A 226 -11.32 17.34 -15.66
C LYS A 226 -9.98 16.63 -15.70
N HIS A 227 -9.70 15.86 -14.64
CA HIS A 227 -8.42 15.19 -14.50
C HIS A 227 -8.21 14.11 -15.55
N SER A 228 -9.28 13.60 -16.16
CA SER A 228 -9.12 12.69 -17.27
C SER A 228 -8.48 13.38 -18.47
N ASP A 229 -8.73 14.67 -18.63
CA ASP A 229 -8.32 15.44 -19.80
C ASP A 229 -6.88 15.95 -19.75
N CYS A 230 -6.06 15.52 -18.80
CA CYS A 230 -4.70 16.02 -18.71
C CYS A 230 -3.88 15.61 -19.92
N LEU A 231 -3.00 16.50 -20.38
CA LEU A 231 -2.05 16.14 -21.44
C LEU A 231 -0.94 15.26 -20.90
N ALA A 232 -0.66 15.31 -19.60
CA ALA A 232 0.33 14.48 -18.95
C ALA A 232 -0.04 14.38 -17.48
N CYS A 233 0.51 13.38 -16.81
CA CYS A 233 0.18 13.10 -15.42
C CYS A 233 1.37 13.44 -14.53
N LEU A 234 1.11 14.25 -13.50
CA LEU A 234 2.17 14.68 -12.60
C LEU A 234 2.77 13.49 -11.84
N HIS A 235 1.92 12.57 -11.37
CA HIS A 235 2.38 11.46 -10.55
C HIS A 235 2.19 10.09 -11.19
N PHE A 236 0.97 9.72 -11.57
CA PHE A 236 0.73 8.36 -12.03
C PHE A 236 -0.47 8.31 -12.96
N ASN A 237 -0.23 7.93 -14.21
CA ASN A 237 -1.32 7.75 -15.16
C ASN A 237 -2.11 6.48 -14.85
N HIS A 238 -3.42 6.55 -15.01
CA HIS A 238 -4.30 5.39 -14.83
C HIS A 238 -5.29 5.34 -15.99
N SER A 239 -4.97 4.58 -17.02
CA SER A 239 -5.79 4.49 -18.24
C SER A 239 -6.26 5.87 -18.71
N GLY A 240 -5.38 6.86 -18.65
CA GLY A 240 -5.75 8.21 -19.00
C GLY A 240 -6.36 9.02 -17.88
N ILE A 241 -6.41 8.50 -16.67
CA ILE A 241 -6.90 9.21 -15.50
C ILE A 241 -5.72 9.43 -14.57
N CYS A 242 -5.23 10.67 -14.52
CA CYS A 242 -4.07 10.97 -13.68
C CYS A 242 -4.42 10.81 -12.21
N GLU A 243 -3.49 10.24 -11.44
CA GLU A 243 -3.74 9.94 -10.04
C GLU A 243 -2.51 10.23 -9.20
N LEU A 244 -2.76 10.63 -7.95
CA LEU A 244 -1.67 10.85 -7.00
C LEU A 244 -0.92 9.55 -6.71
N HIS A 245 -1.66 8.46 -6.55
CA HIS A 245 -1.09 7.14 -6.26
C HIS A 245 -1.99 6.10 -6.88
N CYS A 246 -1.38 5.00 -7.34
CA CYS A 246 -2.16 3.95 -7.96
C CYS A 246 -3.14 3.36 -6.95
N PRO A 247 -4.33 2.95 -7.40
CA PRO A 247 -5.25 2.25 -6.49
C PRO A 247 -4.60 1.03 -5.87
N ALA A 248 -4.73 0.92 -4.56
CA ALA A 248 -4.08 -0.15 -3.82
C ALA A 248 -4.74 -1.49 -4.08
N LEU A 249 -3.94 -2.56 -3.99
CA LEU A 249 -4.49 -3.90 -4.19
C LEU A 249 -5.48 -4.27 -3.10
N VAL A 250 -5.31 -3.73 -1.89
CA VAL A 250 -6.21 -3.99 -0.78
C VAL A 250 -6.68 -2.66 -0.22
N THR A 251 -7.95 -2.57 0.15
CA THR A 251 -8.52 -1.40 0.80
C THR A 251 -8.80 -1.70 2.27
N TYR A 252 -8.89 -0.64 3.05
CA TYR A 252 -9.08 -0.73 4.50
C TYR A 252 -10.50 -0.32 4.85
N ASN A 253 -11.20 -1.16 5.59
CA ASN A 253 -12.53 -0.85 6.10
C ASN A 253 -12.39 -0.16 7.45
N THR A 254 -12.92 1.06 7.56
CA THR A 254 -12.81 1.80 8.81
C THR A 254 -13.75 1.24 9.87
N ASP A 255 -14.97 0.88 9.49
CA ASP A 255 -15.95 0.35 10.42
C ASP A 255 -15.48 -0.94 11.06
N THR A 256 -15.34 -1.99 10.26
CA THR A 256 -14.74 -3.24 10.69
C THR A 256 -13.26 -3.21 10.30
N PHE A 257 -12.38 -3.33 11.29
CA PHE A 257 -10.95 -3.15 11.08
C PHE A 257 -10.43 -4.37 10.32
N GLU A 258 -10.69 -4.40 9.03
CA GLU A 258 -10.28 -5.50 8.17
C GLU A 258 -9.84 -4.96 6.81
N SER A 259 -8.82 -5.57 6.25
CA SER A 259 -8.41 -5.28 4.88
C SER A 259 -9.09 -6.27 3.94
N MET A 260 -9.47 -5.79 2.76
CA MET A 260 -10.10 -6.63 1.76
C MET A 260 -9.48 -6.37 0.40
N PRO A 261 -9.48 -7.36 -0.49
CA PRO A 261 -8.96 -7.13 -1.85
C PRO A 261 -9.77 -6.06 -2.57
N ASN A 262 -9.07 -5.23 -3.34
CA ASN A 262 -9.71 -4.16 -4.10
C ASN A 262 -9.87 -4.61 -5.53
N PRO A 263 -11.10 -4.73 -6.05
CA PRO A 263 -11.27 -5.07 -7.48
C PRO A 263 -10.64 -4.05 -8.41
N GLU A 264 -10.62 -2.77 -8.03
CA GLU A 264 -10.00 -1.73 -8.83
C GLU A 264 -8.50 -1.63 -8.58
N GLY A 265 -7.94 -2.47 -7.74
CA GLY A 265 -6.51 -2.38 -7.44
C GLY A 265 -5.68 -2.62 -8.69
N ARG A 266 -4.64 -1.81 -8.84
CA ARG A 266 -3.75 -1.87 -9.98
C ARG A 266 -2.30 -1.89 -9.51
N TYR A 267 -1.44 -2.52 -10.30
CA TYR A 267 -0.02 -2.50 -10.02
C TYR A 267 0.61 -1.21 -10.52
N THR A 268 1.70 -0.81 -9.85
CA THR A 268 2.42 0.41 -10.19
C THR A 268 3.63 0.05 -11.04
N PHE A 269 3.68 0.58 -12.26
CA PHE A 269 4.79 0.35 -13.17
C PHE A 269 5.24 1.71 -13.71
N GLY A 270 6.44 2.13 -13.31
CA GLY A 270 6.93 3.43 -13.73
C GLY A 270 5.98 4.51 -13.28
N ALA A 271 5.57 5.36 -14.24
CA ALA A 271 4.65 6.45 -13.99
C ALA A 271 3.20 6.09 -14.29
N SER A 272 2.92 4.81 -14.54
CA SER A 272 1.59 4.38 -14.96
C SER A 272 1.04 3.32 -14.01
N CYS A 273 -0.25 3.02 -14.19
CA CYS A 273 -0.94 1.95 -13.49
C CYS A 273 -1.25 0.84 -14.47
N VAL A 274 -0.84 -0.38 -14.14
CA VAL A 274 -1.03 -1.52 -15.02
C VAL A 274 -1.90 -2.56 -14.31
N THR A 275 -2.70 -3.27 -15.11
CA THR A 275 -3.55 -4.32 -14.55
C THR A 275 -2.70 -5.51 -14.10
N ALA A 276 -1.66 -5.83 -14.84
CA ALA A 276 -0.77 -6.94 -14.54
C ALA A 276 0.67 -6.47 -14.62
N CYS A 277 1.52 -7.10 -13.81
CA CYS A 277 2.93 -6.75 -13.81
C CYS A 277 3.55 -7.09 -15.15
N PRO A 278 4.26 -6.17 -15.79
CA PRO A 278 4.86 -6.46 -17.09
C PRO A 278 5.94 -7.52 -16.98
N TYR A 279 6.20 -8.18 -18.09
CA TYR A 279 7.14 -9.28 -18.12
C TYR A 279 8.54 -8.79 -17.76
N ASN A 280 9.29 -9.66 -17.07
CA ASN A 280 10.67 -9.46 -16.61
C ASN A 280 10.75 -8.52 -15.41
N TYR A 281 9.62 -8.24 -14.76
CA TYR A 281 9.59 -7.46 -13.54
C TYR A 281 9.06 -8.30 -12.40
N LEU A 282 9.32 -7.84 -11.17
CA LEU A 282 8.89 -8.53 -9.96
C LEU A 282 7.74 -7.75 -9.34
N SER A 283 6.64 -8.45 -9.07
CA SER A 283 5.49 -7.84 -8.42
C SER A 283 5.58 -8.03 -6.91
N THR A 284 5.47 -6.93 -6.18
CA THR A 284 5.45 -6.98 -4.73
C THR A 284 4.03 -7.10 -4.20
N ASP A 285 3.90 -7.48 -2.94
CA ASP A 285 2.58 -7.55 -2.33
C ASP A 285 1.92 -6.19 -2.24
N VAL A 286 2.72 -5.12 -2.12
CA VAL A 286 2.17 -3.77 -2.13
C VAL A 286 1.68 -3.36 -3.51
N GLY A 287 2.05 -4.10 -4.55
CA GLY A 287 1.63 -3.80 -5.89
C GLY A 287 2.64 -3.05 -6.75
N PHE A 288 3.87 -2.90 -6.27
CA PHE A 288 4.91 -2.23 -7.03
C PHE A 288 5.61 -3.23 -7.95
N CYS A 289 5.69 -2.90 -9.24
CA CYS A 289 6.40 -3.73 -10.20
C CYS A 289 7.83 -3.23 -10.29
N THR A 290 8.76 -4.03 -9.79
CA THR A 290 10.15 -3.61 -9.57
C THR A 290 11.11 -4.49 -10.34
N LEU A 291 12.39 -4.10 -10.30
CA LEU A 291 13.47 -4.88 -10.88
C LEU A 291 14.28 -5.63 -9.84
N VAL A 292 14.28 -5.19 -8.59
CA VAL A 292 14.95 -5.88 -7.50
C VAL A 292 13.95 -6.06 -6.37
N CYS A 293 14.14 -7.13 -5.60
CA CYS A 293 13.25 -7.37 -4.49
C CYS A 293 13.60 -6.45 -3.32
N PRO A 294 12.60 -6.03 -2.55
CA PRO A 294 12.87 -5.23 -1.34
C PRO A 294 13.69 -6.01 -0.34
N LEU A 295 14.17 -5.28 0.68
CA LEU A 295 14.99 -5.90 1.71
C LEU A 295 14.18 -6.92 2.49
N HIS A 296 14.83 -8.06 2.80
CA HIS A 296 14.24 -9.19 3.50
C HIS A 296 13.30 -10.00 2.62
N ASN A 297 13.38 -9.84 1.30
CA ASN A 297 12.51 -10.53 0.36
C ASN A 297 13.34 -11.33 -0.63
N GLN A 298 12.74 -12.40 -1.13
CA GLN A 298 13.36 -13.28 -2.11
C GLN A 298 12.45 -13.42 -3.32
N GLU A 299 13.05 -13.73 -4.47
CA GLU A 299 12.30 -13.88 -5.70
C GLU A 299 11.82 -15.32 -5.83
N VAL A 300 10.51 -15.49 -6.01
CA VAL A 300 9.90 -16.79 -6.19
C VAL A 300 9.15 -16.79 -7.52
N THR A 301 8.88 -17.99 -8.02
CA THR A 301 8.18 -18.16 -9.28
C THR A 301 6.78 -18.73 -9.01
N ALA A 302 5.78 -18.14 -9.64
CA ALA A 302 4.40 -18.58 -9.46
C ALA A 302 3.73 -18.83 -10.81
N THR A 306 6.59 -15.85 -14.56
CA THR A 306 6.14 -14.85 -13.60
C THR A 306 6.93 -14.98 -12.30
N GLN A 307 7.37 -13.84 -11.76
CA GLN A 307 8.13 -13.82 -10.52
C GLN A 307 7.57 -12.75 -9.60
N ARG A 308 7.63 -13.03 -8.29
CA ARG A 308 7.14 -12.12 -7.27
C ARG A 308 8.17 -12.04 -6.15
N CYS A 309 8.08 -10.96 -5.36
CA CYS A 309 8.95 -10.77 -4.21
C CYS A 309 8.18 -11.18 -2.96
N GLU A 310 8.66 -12.22 -2.29
CA GLU A 310 8.04 -12.71 -1.07
C GLU A 310 9.04 -12.61 0.09
N LYS A 311 8.53 -12.19 1.25
CA LYS A 311 9.38 -12.05 2.43
C LYS A 311 9.98 -13.39 2.83
N CYS A 312 11.24 -13.36 3.26
CA CYS A 312 11.90 -14.57 3.76
C CYS A 312 11.63 -14.64 5.26
N SER A 313 10.59 -15.40 5.63
CA SER A 313 10.24 -15.51 7.04
C SER A 313 11.40 -16.09 7.83
N LYS A 314 12.00 -17.16 7.31
CA LYS A 314 13.30 -17.59 7.79
C LYS A 314 14.34 -16.61 7.26
N PRO A 315 15.47 -16.44 7.94
CA PRO A 315 16.46 -15.48 7.47
C PRO A 315 16.93 -15.82 6.06
N CYS A 316 17.05 -14.79 5.23
CA CYS A 316 17.33 -15.02 3.81
C CYS A 316 18.68 -15.71 3.64
N ALA A 317 18.73 -16.64 2.69
CA ALA A 317 19.95 -17.38 2.41
C ALA A 317 21.00 -16.48 1.78
N ARG A 318 22.24 -16.95 1.81
CA ARG A 318 23.33 -16.19 1.20
C ARG A 318 23.10 -16.06 -0.30
N VAL A 319 23.20 -14.84 -0.79
CA VAL A 319 22.96 -14.52 -2.19
C VAL A 319 24.26 -14.11 -2.86
N CYS A 320 24.50 -14.63 -4.06
CA CYS A 320 25.66 -14.26 -4.86
C CYS A 320 25.34 -12.97 -5.60
N TYR A 321 26.06 -11.90 -5.26
CA TYR A 321 25.84 -10.59 -5.85
C TYR A 321 26.82 -10.36 -6.99
N GLY A 322 26.28 -10.01 -8.17
CA GLY A 322 27.09 -9.71 -9.32
C GLY A 322 27.54 -8.26 -9.35
N LEU A 323 28.26 -7.92 -10.43
CA LEU A 323 28.68 -6.54 -10.63
C LEU A 323 27.47 -5.63 -10.74
N GLY A 324 27.59 -4.44 -10.14
CA GLY A 324 26.49 -3.50 -10.10
C GLY A 324 25.64 -3.57 -8.86
N MET A 325 25.79 -4.62 -8.04
CA MET A 325 24.96 -4.83 -6.86
C MET A 325 25.84 -4.95 -5.63
N GLU A 326 25.45 -4.26 -4.56
CA GLU A 326 26.09 -4.31 -3.24
C GLU A 326 27.55 -3.91 -3.38
N HIS A 327 28.51 -4.68 -2.87
CA HIS A 327 29.91 -4.27 -2.88
C HIS A 327 30.42 -4.09 -4.31
N LEU A 328 29.98 -4.95 -5.23
CA LEU A 328 30.44 -4.93 -6.61
C LEU A 328 29.73 -3.86 -7.44
N ARG A 329 29.11 -2.87 -6.79
CA ARG A 329 28.35 -1.86 -7.52
C ARG A 329 29.25 -1.02 -8.43
N GLU A 330 30.41 -0.62 -7.94
CA GLU A 330 31.33 0.19 -8.72
C GLU A 330 32.38 -0.64 -9.46
N VAL A 331 32.41 -1.96 -9.25
CA VAL A 331 33.45 -2.79 -9.87
C VAL A 331 33.18 -2.89 -11.36
N ARG A 332 34.18 -2.52 -12.16
CA ARG A 332 34.02 -2.51 -13.62
C ARG A 332 33.89 -3.92 -14.19
N ALA A 333 34.69 -4.87 -13.71
CA ALA A 333 34.78 -6.16 -14.38
C ALA A 333 35.09 -7.27 -13.38
N VAL A 334 35.00 -8.50 -13.87
CA VAL A 334 35.33 -9.68 -13.09
C VAL A 334 36.83 -9.92 -13.20
N THR A 335 37.51 -9.90 -12.06
CA THR A 335 38.96 -10.05 -11.99
C THR A 335 39.30 -11.20 -11.06
N SER A 336 40.59 -11.51 -10.95
CA SER A 336 41.03 -12.55 -10.03
C SER A 336 40.68 -12.22 -8.59
N ALA A 337 40.56 -10.94 -8.27
CA ALA A 337 40.21 -10.54 -6.91
C ALA A 337 38.80 -11.00 -6.54
N ASN A 338 37.86 -10.90 -7.47
CA ASN A 338 36.46 -11.22 -7.19
C ASN A 338 35.98 -12.48 -7.89
N ILE A 339 36.86 -13.21 -8.56
CA ILE A 339 36.41 -14.37 -9.33
C ILE A 339 35.88 -15.47 -8.41
N GLN A 340 36.54 -15.67 -7.26
CA GLN A 340 36.09 -16.68 -6.31
C GLN A 340 34.77 -16.34 -5.65
N GLU A 341 34.30 -15.09 -5.77
CA GLU A 341 33.02 -14.70 -5.20
C GLU A 341 31.84 -15.35 -5.89
N PHE A 342 32.05 -15.96 -7.06
CA PHE A 342 30.97 -16.57 -7.84
C PHE A 342 31.05 -18.10 -7.83
N ALA A 343 31.82 -18.68 -6.92
CA ALA A 343 31.98 -20.13 -6.88
C ALA A 343 30.69 -20.81 -6.42
N GLY A 344 30.23 -21.76 -7.22
CA GLY A 344 29.04 -22.53 -6.88
C GLY A 344 27.73 -21.79 -7.06
N CYS A 345 27.75 -20.54 -7.49
CA CYS A 345 26.55 -19.75 -7.66
C CYS A 345 25.81 -20.20 -8.91
N LYS A 346 24.56 -20.64 -8.75
CA LYS A 346 23.72 -21.01 -9.88
C LYS A 346 22.85 -19.85 -10.36
N LYS A 347 22.85 -18.73 -9.65
CA LYS A 347 22.13 -17.53 -10.09
C LYS A 347 22.86 -16.31 -9.55
N ILE A 348 23.10 -15.34 -10.43
CA ILE A 348 23.83 -14.12 -10.09
C ILE A 348 22.85 -12.97 -10.10
N PHE A 349 22.76 -12.25 -8.98
CA PHE A 349 21.97 -11.03 -8.88
C PHE A 349 22.88 -9.86 -9.24
N GLY A 350 22.95 -9.56 -10.52
CA GLY A 350 23.84 -8.55 -11.03
C GLY A 350 24.30 -8.93 -12.41
N SER A 351 25.43 -8.36 -12.81
CA SER A 351 25.94 -8.50 -14.17
C SER A 351 27.33 -9.15 -14.14
N LEU A 352 27.75 -9.60 -15.31
CA LEU A 352 29.09 -10.14 -15.50
C LEU A 352 29.73 -9.40 -16.67
N ALA A 353 30.90 -8.80 -16.43
CA ALA A 353 31.63 -8.08 -17.46
C ALA A 353 33.08 -8.56 -17.48
N PHE A 354 33.57 -8.93 -18.65
CA PHE A 354 34.95 -9.33 -18.84
C PHE A 354 35.60 -8.34 -19.79
N LEU A 355 36.53 -7.55 -19.29
CA LEU A 355 37.22 -6.51 -20.02
C LEU A 355 38.65 -6.92 -20.32
N PRO A 356 39.37 -6.15 -21.15
CA PRO A 356 40.78 -6.47 -21.39
C PRO A 356 41.60 -6.60 -20.13
N GLU A 357 41.40 -5.73 -19.14
CA GLU A 357 42.20 -5.81 -17.93
C GLU A 357 41.79 -6.97 -17.03
N SER A 358 40.68 -7.64 -17.32
CA SER A 358 40.29 -8.81 -16.53
C SER A 358 41.32 -9.92 -16.67
N PHE A 359 41.83 -10.14 -17.88
CA PHE A 359 42.78 -11.21 -18.16
C PHE A 359 44.22 -10.70 -18.22
N ASP A 360 44.47 -9.48 -17.78
CA ASP A 360 45.81 -8.97 -17.58
C ASP A 360 45.95 -8.49 -16.14
N GLY A 361 47.17 -8.10 -15.78
CA GLY A 361 47.47 -7.69 -14.42
C GLY A 361 47.57 -6.18 -14.29
N ASP A 362 47.13 -5.68 -13.15
CA ASP A 362 47.20 -4.25 -12.86
C ASP A 362 48.43 -3.99 -12.00
N PRO A 363 49.43 -3.26 -12.51
CA PRO A 363 50.61 -2.98 -11.69
C PRO A 363 50.31 -2.23 -10.40
N ALA A 364 49.25 -1.41 -10.38
CA ALA A 364 48.95 -0.61 -9.21
C ALA A 364 48.16 -1.40 -8.17
N SER A 365 47.10 -2.08 -8.60
CA SER A 365 46.21 -2.78 -7.69
C SER A 365 46.67 -4.20 -7.36
N ASN A 366 47.78 -4.65 -7.94
CA ASN A 366 48.35 -5.97 -7.65
C ASN A 366 47.35 -7.09 -7.95
N THR A 367 46.49 -6.89 -8.93
CA THR A 367 45.53 -7.91 -9.35
C THR A 367 46.18 -8.82 -10.39
N ALA A 368 46.26 -10.11 -10.08
CA ALA A 368 46.82 -11.06 -11.02
C ALA A 368 45.87 -11.25 -12.20
N PRO A 369 46.39 -11.62 -13.37
CA PRO A 369 45.51 -11.88 -14.51
C PRO A 369 44.58 -13.05 -14.25
N LEU A 370 43.39 -12.98 -14.85
CA LEU A 370 42.46 -14.10 -14.76
C LEU A 370 42.93 -15.23 -15.65
N GLN A 371 43.04 -16.40 -15.09
CA GLN A 371 43.40 -17.55 -15.89
C GLN A 371 42.14 -18.26 -16.40
N PRO A 372 42.22 -18.92 -17.55
CA PRO A 372 41.04 -19.64 -18.06
C PRO A 372 40.55 -20.72 -17.10
N GLU A 373 41.45 -21.32 -16.32
CA GLU A 373 41.04 -22.32 -15.35
C GLU A 373 40.19 -21.73 -14.23
N GLN A 374 40.26 -20.41 -14.03
CA GLN A 374 39.43 -19.77 -13.01
C GLN A 374 38.03 -19.43 -13.51
N LEU A 375 37.77 -19.58 -14.80
CA LEU A 375 36.44 -19.33 -15.35
C LEU A 375 35.46 -20.45 -15.08
N GLN A 376 35.94 -21.62 -14.63
CA GLN A 376 35.05 -22.75 -14.36
C GLN A 376 34.19 -22.56 -13.12
N VAL A 377 34.37 -21.46 -12.37
CA VAL A 377 33.45 -21.14 -11.29
C VAL A 377 32.05 -20.85 -11.81
N PHE A 378 31.92 -20.59 -13.11
CA PHE A 378 30.63 -20.33 -13.74
C PHE A 378 29.99 -21.57 -14.32
N GLU A 379 30.53 -22.76 -14.00
CA GLU A 379 29.98 -23.99 -14.56
C GLU A 379 28.55 -24.23 -14.09
N THR A 380 28.26 -23.90 -12.84
CA THR A 380 26.94 -24.10 -12.28
C THR A 380 26.00 -22.92 -12.52
N LEU A 381 26.49 -21.84 -13.12
CA LEU A 381 25.68 -20.66 -13.32
C LEU A 381 24.54 -20.95 -14.28
N GLU A 382 23.33 -20.61 -13.87
CA GLU A 382 22.14 -20.85 -14.67
C GLU A 382 21.40 -19.58 -15.08
N GLU A 383 21.44 -18.53 -14.28
CA GLU A 383 20.71 -17.31 -14.58
C GLU A 383 21.50 -16.09 -14.15
N ILE A 384 21.49 -15.06 -14.99
CA ILE A 384 22.07 -13.76 -14.69
C ILE A 384 20.94 -12.74 -14.77
N THR A 385 20.74 -11.99 -13.67
CA THR A 385 19.69 -10.99 -13.65
C THR A 385 20.07 -9.73 -14.42
N GLY A 386 21.36 -9.45 -14.56
CA GLY A 386 21.81 -8.29 -15.29
C GLY A 386 22.14 -8.60 -16.75
N TYR A 387 23.35 -8.24 -17.16
CA TYR A 387 23.80 -8.46 -18.52
C TYR A 387 25.09 -9.28 -18.53
N LEU A 388 25.37 -9.89 -19.67
CA LEU A 388 26.64 -10.58 -19.90
C LEU A 388 27.41 -9.78 -20.95
N TYR A 389 28.51 -9.18 -20.52
CA TYR A 389 29.35 -8.36 -21.39
C TYR A 389 30.73 -8.98 -21.46
N ILE A 390 31.19 -9.28 -22.66
CA ILE A 390 32.51 -9.89 -22.88
C ILE A 390 33.21 -9.10 -23.98
N SER A 391 34.20 -8.30 -23.60
CA SER A 391 35.06 -7.61 -24.54
C SER A 391 36.45 -8.21 -24.61
N ALA A 392 36.74 -9.20 -23.77
CA ALA A 392 38.00 -9.92 -23.81
C ALA A 392 37.76 -11.34 -23.33
N TRP A 393 38.55 -12.27 -23.87
CA TRP A 393 38.40 -13.68 -23.58
C TRP A 393 39.75 -14.35 -23.78
N PRO A 394 40.08 -15.36 -22.98
CA PRO A 394 41.35 -16.08 -23.19
C PRO A 394 41.40 -16.72 -24.56
N ASP A 395 42.47 -16.43 -25.30
CA ASP A 395 42.58 -16.92 -26.68
C ASP A 395 42.73 -18.43 -26.74
N SER A 396 43.00 -19.09 -25.61
CA SER A 396 43.03 -20.55 -25.57
C SER A 396 41.66 -21.13 -25.85
N LEU A 397 40.60 -20.49 -25.32
CA LEU A 397 39.25 -21.04 -25.38
C LEU A 397 38.54 -20.55 -26.63
N PRO A 398 38.02 -21.45 -27.47
CA PRO A 398 37.34 -21.04 -28.70
C PRO A 398 35.85 -20.76 -28.56
N ASP A 399 35.29 -20.90 -27.36
CA ASP A 399 33.87 -20.74 -27.16
C ASP A 399 33.61 -20.20 -25.77
N LEU A 400 32.42 -19.63 -25.58
CA LEU A 400 31.95 -19.27 -24.25
C LEU A 400 31.30 -20.48 -23.59
N SER A 401 32.12 -21.51 -23.37
CA SER A 401 31.64 -22.78 -22.84
C SER A 401 31.65 -22.83 -21.33
N VAL A 402 32.24 -21.84 -20.66
CA VAL A 402 32.10 -21.77 -19.21
C VAL A 402 30.67 -21.40 -18.85
N PHE A 403 29.93 -20.80 -19.79
CA PHE A 403 28.54 -20.41 -19.62
C PHE A 403 27.58 -21.37 -20.31
N GLN A 404 28.04 -22.57 -20.63
CA GLN A 404 27.20 -23.53 -21.33
C GLN A 404 25.93 -23.87 -20.54
N ASN A 405 26.04 -23.94 -19.22
CA ASN A 405 24.89 -24.22 -18.37
C ASN A 405 24.07 -22.97 -18.03
N LEU A 406 24.37 -21.83 -18.65
CA LEU A 406 23.59 -20.62 -18.42
C LEU A 406 22.32 -20.66 -19.27
N GLN A 407 21.17 -20.41 -18.64
CA GLN A 407 19.88 -20.51 -19.31
C GLN A 407 19.24 -19.17 -19.62
N VAL A 408 19.27 -18.22 -18.68
CA VAL A 408 18.50 -16.98 -18.79
C VAL A 408 19.41 -15.80 -18.47
N ILE A 409 19.38 -14.80 -19.34
CA ILE A 409 19.94 -13.48 -19.04
C ILE A 409 18.77 -12.53 -18.98
N ARG A 410 18.40 -12.13 -17.76
CA ARG A 410 17.18 -11.33 -17.57
C ARG A 410 17.29 -9.97 -18.25
N GLY A 411 18.45 -9.34 -18.16
CA GLY A 411 18.60 -8.00 -18.71
C GLY A 411 17.96 -6.91 -17.91
N ARG A 412 17.71 -7.14 -16.61
CA ARG A 412 17.18 -6.07 -15.77
C ARG A 412 18.17 -4.94 -15.63
N ILE A 413 19.46 -5.25 -15.68
CA ILE A 413 20.52 -4.25 -15.84
C ILE A 413 21.11 -4.44 -17.22
N LEU A 414 21.25 -3.34 -17.97
CA LEU A 414 21.70 -3.40 -19.35
C LEU A 414 23.00 -2.61 -19.51
N HIS A 415 23.94 -3.19 -20.24
CA HIS A 415 25.16 -2.47 -20.57
C HIS A 415 24.84 -1.29 -21.48
N ASN A 416 25.26 -0.10 -21.06
CA ASN A 416 24.96 1.16 -21.73
C ASN A 416 23.47 1.46 -21.76
N GLY A 417 22.67 0.73 -20.98
CA GLY A 417 21.23 0.88 -20.97
C GLY A 417 20.51 0.20 -22.11
N ALA A 418 21.22 -0.50 -22.99
CA ALA A 418 20.56 -1.07 -24.15
C ALA A 418 20.80 -2.57 -24.32
N TYR A 419 21.99 -3.06 -24.02
CA TYR A 419 22.39 -4.42 -24.37
C TYR A 419 22.44 -5.32 -23.15
N SER A 420 21.95 -6.54 -23.31
CA SER A 420 22.02 -7.57 -22.28
C SER A 420 23.08 -8.63 -22.60
N LEU A 421 23.51 -8.73 -23.85
CA LEU A 421 24.53 -9.68 -24.27
C LEU A 421 25.40 -8.99 -25.31
N THR A 422 26.67 -8.77 -24.97
CA THR A 422 27.59 -8.08 -25.85
C THR A 422 28.90 -8.86 -25.93
N LEU A 423 29.35 -9.12 -27.16
CA LEU A 423 30.60 -9.83 -27.41
C LEU A 423 31.42 -9.01 -28.40
N GLN A 424 32.54 -8.47 -27.93
CA GLN A 424 33.35 -7.54 -28.71
C GLN A 424 34.76 -8.10 -28.88
N GLY A 425 35.22 -8.14 -30.13
CA GLY A 425 36.64 -8.37 -30.41
C GLY A 425 37.21 -9.65 -29.83
N LEU A 426 36.45 -10.74 -29.88
CA LEU A 426 36.88 -12.00 -29.30
C LEU A 426 37.40 -12.94 -30.38
N GLY A 427 38.37 -13.77 -30.00
CA GLY A 427 38.93 -14.79 -30.85
C GLY A 427 38.15 -16.10 -30.87
N ILE A 428 36.99 -16.14 -30.23
CA ILE A 428 36.20 -17.36 -30.15
C ILE A 428 35.69 -17.74 -31.54
N SER A 429 35.63 -19.04 -31.79
CA SER A 429 35.21 -19.56 -33.08
C SER A 429 33.72 -19.89 -33.14
N TRP A 430 33.10 -20.15 -31.99
CA TRP A 430 31.67 -20.40 -31.92
C TRP A 430 31.19 -20.06 -30.52
N LEU A 431 29.88 -19.99 -30.37
CA LEU A 431 29.26 -19.72 -29.08
C LEU A 431 28.97 -21.01 -28.35
N GLY A 432 29.26 -21.04 -27.06
CA GLY A 432 29.05 -22.22 -26.25
C GLY A 432 27.82 -22.18 -25.38
N LEU A 433 26.92 -21.22 -25.57
CA LEU A 433 25.77 -21.03 -24.70
C LEU A 433 24.62 -21.95 -25.11
N ARG A 434 24.89 -23.25 -25.05
CA ARG A 434 23.93 -24.22 -25.59
C ARG A 434 22.67 -24.32 -24.75
N SER A 435 22.69 -23.88 -23.49
CA SER A 435 21.51 -23.89 -22.65
C SER A 435 20.80 -22.54 -22.60
N LEU A 436 21.26 -21.57 -23.37
CA LEU A 436 20.65 -20.24 -23.34
C LEU A 436 19.32 -20.28 -24.06
N ARG A 437 18.24 -19.98 -23.33
CA ARG A 437 16.89 -20.02 -23.86
C ARG A 437 16.13 -18.72 -23.77
N GLU A 438 16.58 -17.75 -22.98
CA GLU A 438 15.81 -16.53 -22.78
C GLU A 438 16.72 -15.34 -22.55
N LEU A 439 16.58 -14.32 -23.40
CA LEU A 439 17.16 -13.00 -23.17
C LEU A 439 15.99 -12.12 -22.75
N GLY A 440 15.76 -12.06 -21.44
CA GLY A 440 14.55 -11.44 -20.91
C GLY A 440 14.29 -10.04 -21.45
N SER A 441 15.33 -9.21 -21.48
CA SER A 441 15.20 -7.85 -21.97
C SER A 441 16.53 -7.42 -22.57
N GLY A 442 16.49 -6.37 -23.37
CA GLY A 442 17.69 -5.80 -23.92
C GLY A 442 18.03 -6.35 -25.30
N LEU A 443 19.05 -5.75 -25.90
CA LEU A 443 19.50 -6.13 -27.23
C LEU A 443 20.76 -6.97 -27.13
N ALA A 444 21.08 -7.67 -28.22
CA ALA A 444 22.28 -8.47 -28.32
C ALA A 444 23.21 -7.80 -29.34
N LEU A 445 24.43 -7.50 -28.91
CA LEU A 445 25.45 -6.89 -29.76
C LEU A 445 26.63 -7.85 -29.89
N ILE A 446 26.72 -8.53 -31.03
CA ILE A 446 27.85 -9.40 -31.34
C ILE A 446 28.54 -8.81 -32.56
N HIS A 447 29.72 -8.24 -32.37
CA HIS A 447 30.37 -7.56 -33.48
C HIS A 447 31.87 -7.56 -33.32
N HIS A 448 32.56 -7.61 -34.47
CA HIS A 448 34.01 -7.53 -34.58
C HIS A 448 34.72 -8.77 -34.04
N ASN A 449 34.06 -9.93 -34.13
CA ASN A 449 34.67 -11.21 -33.77
C ASN A 449 35.08 -11.88 -35.08
N THR A 450 36.35 -11.71 -35.44
CA THR A 450 36.83 -12.12 -36.77
C THR A 450 36.66 -13.61 -37.02
N HIS A 451 36.64 -14.42 -35.97
CA HIS A 451 36.59 -15.87 -36.14
C HIS A 451 35.24 -16.48 -35.77
N LEU A 452 34.33 -15.70 -35.20
CA LEU A 452 33.04 -16.22 -34.77
C LEU A 452 32.17 -16.53 -35.98
N CYS A 453 31.73 -17.78 -36.11
CA CYS A 453 30.94 -18.22 -37.26
C CYS A 453 29.48 -18.50 -36.95
N PHE A 454 29.18 -19.09 -35.81
CA PHE A 454 27.83 -19.61 -35.54
C PHE A 454 26.97 -18.55 -34.85
N VAL A 455 26.80 -17.43 -35.56
CA VAL A 455 25.98 -16.33 -35.07
C VAL A 455 24.57 -16.38 -35.64
N HIS A 456 24.44 -16.76 -36.92
CA HIS A 456 23.15 -16.81 -37.57
C HIS A 456 22.49 -18.17 -37.47
N THR A 457 23.19 -19.18 -36.98
CA THR A 457 22.61 -20.48 -36.72
C THR A 457 21.83 -20.52 -35.41
N VAL A 458 21.90 -19.46 -34.61
CA VAL A 458 21.21 -19.39 -33.32
C VAL A 458 19.82 -18.78 -33.55
N PRO A 459 18.76 -19.42 -33.07
CA PRO A 459 17.41 -18.84 -33.20
C PRO A 459 17.18 -17.72 -32.19
N TRP A 460 17.68 -16.53 -32.52
CA TRP A 460 17.59 -15.40 -31.60
C TRP A 460 16.13 -15.02 -31.34
N ASP A 461 15.26 -15.17 -32.33
CA ASP A 461 13.84 -14.91 -32.12
C ASP A 461 13.26 -15.77 -31.00
N GLN A 462 13.78 -17.00 -30.84
CA GLN A 462 13.32 -17.86 -29.77
C GLN A 462 13.81 -17.38 -28.42
N LEU A 463 14.97 -16.72 -28.39
CA LEU A 463 15.55 -16.25 -27.13
C LEU A 463 14.98 -14.91 -26.70
N PHE A 464 14.46 -14.12 -27.64
CA PHE A 464 13.94 -12.80 -27.32
C PHE A 464 12.49 -12.90 -26.82
N ARG A 465 12.16 -12.02 -25.89
CA ARG A 465 10.85 -12.03 -25.24
C ARG A 465 10.02 -10.79 -25.53
N ASN A 466 10.62 -9.76 -26.11
CA ASN A 466 10.00 -8.47 -26.37
C ASN A 466 10.18 -8.17 -27.86
N PRO A 467 9.28 -7.40 -28.47
CA PRO A 467 9.45 -7.11 -29.91
C PRO A 467 10.54 -6.08 -30.19
N HIS A 468 10.92 -5.28 -29.18
CA HIS A 468 12.00 -4.32 -29.37
C HIS A 468 13.35 -5.02 -29.48
N GLN A 469 13.45 -6.24 -28.95
CA GLN A 469 14.72 -6.96 -28.92
C GLN A 469 15.11 -7.44 -30.31
N ALA A 470 16.40 -7.27 -30.63
CA ALA A 470 16.95 -7.74 -31.89
C ALA A 470 18.43 -8.01 -31.70
N LEU A 471 19.01 -8.70 -32.69
CA LEU A 471 20.44 -8.99 -32.69
C LEU A 471 21.13 -8.03 -33.64
N LEU A 472 22.12 -7.30 -33.13
CA LEU A 472 22.92 -6.39 -33.94
C LEU A 472 24.30 -7.01 -34.13
N HIS A 473 24.67 -7.24 -35.39
CA HIS A 473 25.91 -7.95 -35.69
C HIS A 473 26.59 -7.32 -36.89
N THR A 474 27.91 -7.17 -36.79
CA THR A 474 28.70 -6.64 -37.89
C THR A 474 30.15 -7.06 -37.70
N ALA A 475 30.84 -7.30 -38.81
CA ALA A 475 32.28 -7.53 -38.83
C ALA A 475 32.66 -8.82 -38.13
N ASN A 476 31.83 -9.85 -38.21
CA ASN A 476 32.20 -11.18 -37.77
C ASN A 476 32.68 -11.98 -38.98
N ARG A 477 32.95 -13.26 -38.78
CA ARG A 477 33.37 -14.10 -39.89
C ARG A 477 32.20 -14.22 -40.87
N PRO A 478 32.41 -13.91 -42.15
CA PRO A 478 31.30 -13.95 -43.11
C PRO A 478 30.72 -15.35 -43.28
N GLU A 479 29.41 -15.40 -43.53
CA GLU A 479 28.73 -16.67 -43.75
C GLU A 479 29.38 -17.46 -44.88
N ASP A 480 29.82 -16.76 -45.93
CA ASP A 480 30.61 -17.38 -46.98
C ASP A 480 31.74 -18.24 -46.41
N GLU A 481 32.56 -17.65 -45.54
CA GLU A 481 33.70 -18.36 -44.99
C GLU A 481 33.27 -19.57 -44.17
N CYS A 482 32.18 -19.43 -43.41
CA CYS A 482 31.71 -20.55 -42.60
C CYS A 482 31.19 -21.68 -43.48
N VAL A 483 30.33 -21.36 -44.46
CA VAL A 483 29.81 -22.36 -45.38
C VAL A 483 30.94 -22.96 -46.21
N GLY A 484 31.98 -22.18 -46.49
CA GLY A 484 33.05 -22.67 -47.35
C GLY A 484 33.93 -23.70 -46.67
N GLU A 485 34.36 -23.41 -45.44
CA GLU A 485 35.26 -24.28 -44.71
C GLU A 485 34.55 -25.40 -43.96
N GLY A 486 33.28 -25.62 -44.25
CA GLY A 486 32.54 -26.74 -43.70
C GLY A 486 31.88 -26.49 -42.36
N LEU A 487 31.91 -25.26 -41.86
CA LEU A 487 31.30 -24.94 -40.58
C LEU A 487 29.80 -24.77 -40.77
N ALA A 488 29.02 -25.57 -40.05
CA ALA A 488 27.57 -25.57 -40.16
C ALA A 488 27.01 -26.39 -39.02
N CYS A 489 25.70 -26.34 -38.85
CA CYS A 489 25.06 -27.15 -37.83
C CYS A 489 25.12 -28.62 -38.20
N HIS A 490 25.06 -29.47 -37.17
CA HIS A 490 25.18 -30.90 -37.38
C HIS A 490 23.94 -31.44 -38.10
N GLN A 491 24.14 -32.57 -38.79
CA GLN A 491 23.04 -33.18 -39.55
C GLN A 491 21.93 -33.69 -38.65
N LEU A 492 22.08 -33.56 -37.34
CA LEU A 492 21.12 -34.07 -36.37
C LEU A 492 20.42 -32.94 -35.63
N CYS A 493 20.76 -31.69 -35.96
CA CYS A 493 20.09 -30.52 -35.42
C CYS A 493 18.68 -30.42 -35.99
N ALA A 494 17.79 -29.82 -35.21
CA ALA A 494 16.43 -29.55 -35.66
C ALA A 494 16.35 -28.11 -36.12
N ARG A 495 15.91 -27.91 -37.37
CA ARG A 495 15.70 -26.60 -37.99
C ARG A 495 17.02 -25.88 -38.28
N GLY A 496 18.13 -26.60 -38.22
CA GLY A 496 19.43 -25.97 -38.39
C GLY A 496 19.73 -24.90 -37.37
N HIS A 497 19.29 -25.11 -36.13
CA HIS A 497 19.57 -24.20 -35.02
C HIS A 497 20.62 -24.83 -34.13
N CYS A 498 21.73 -24.12 -33.92
CA CYS A 498 22.85 -24.66 -33.18
C CYS A 498 23.77 -23.53 -32.73
N TRP A 499 24.67 -23.87 -31.81
CA TRP A 499 25.62 -22.92 -31.26
C TRP A 499 27.05 -23.19 -31.70
N GLY A 500 27.32 -24.36 -32.26
CA GLY A 500 28.66 -24.71 -32.66
C GLY A 500 28.71 -25.91 -33.60
N PRO A 501 29.93 -26.34 -33.93
CA PRO A 501 30.08 -27.38 -34.97
C PRO A 501 29.72 -28.78 -34.52
N GLY A 502 29.45 -29.03 -33.24
CA GLY A 502 29.37 -30.38 -32.75
C GLY A 502 27.97 -30.90 -32.49
N PRO A 503 27.86 -32.22 -32.31
CA PRO A 503 26.56 -32.81 -31.94
C PRO A 503 26.05 -32.34 -30.59
N THR A 504 26.91 -31.71 -29.78
CA THR A 504 26.54 -31.28 -28.44
C THR A 504 26.16 -29.81 -28.39
N GLN A 505 25.92 -29.19 -29.55
CA GLN A 505 25.68 -27.76 -29.63
C GLN A 505 24.35 -27.42 -30.27
N CYS A 506 23.49 -28.40 -30.50
CA CYS A 506 22.19 -28.14 -31.11
C CYS A 506 21.25 -27.49 -30.12
N VAL A 507 20.31 -26.72 -30.64
CA VAL A 507 19.27 -26.14 -29.80
C VAL A 507 18.19 -27.16 -29.50
N ASN A 508 17.59 -27.71 -30.56
CA ASN A 508 16.67 -28.84 -30.45
C ASN A 508 17.20 -29.96 -31.32
N CYS A 509 17.02 -31.20 -30.86
CA CYS A 509 17.58 -32.37 -31.53
C CYS A 509 16.46 -33.23 -32.07
N SER A 510 16.63 -33.68 -33.33
CA SER A 510 15.58 -34.43 -34.00
C SER A 510 15.27 -35.74 -33.28
N GLN A 511 16.29 -36.40 -32.72
CA GLN A 511 16.15 -37.73 -32.15
C GLN A 511 16.50 -37.72 -30.66
N PHE A 512 16.38 -38.89 -30.04
CA PHE A 512 16.63 -39.02 -28.62
C PHE A 512 18.08 -38.66 -28.31
N LEU A 513 18.30 -38.02 -27.16
CA LEU A 513 19.60 -37.50 -26.80
C LEU A 513 20.37 -38.49 -25.92
N ARG A 514 21.69 -38.50 -26.08
CA ARG A 514 22.59 -39.23 -25.21
C ARG A 514 23.35 -38.16 -24.41
N GLY A 515 22.92 -37.94 -23.17
CA GLY A 515 23.47 -36.82 -22.41
C GLY A 515 23.30 -35.53 -23.18
N GLN A 516 24.37 -34.74 -23.25
CA GLN A 516 24.37 -33.54 -24.07
C GLN A 516 24.31 -33.89 -25.55
N GLU A 517 25.02 -34.93 -25.96
CA GLU A 517 25.16 -35.27 -27.36
C GLU A 517 23.83 -35.68 -27.99
N CYS A 518 23.52 -35.10 -29.14
CA CYS A 518 22.35 -35.47 -29.92
C CYS A 518 22.71 -36.63 -30.83
N VAL A 519 22.07 -37.77 -30.62
CA VAL A 519 22.43 -39.03 -31.27
C VAL A 519 21.21 -39.61 -31.99
N GLU A 520 21.43 -40.09 -33.21
CA GLU A 520 20.40 -40.78 -33.97
C GLU A 520 19.71 -41.87 -33.14
N GLN B 2 -7.88 8.39 24.12
CA GLN B 2 -8.51 9.38 23.25
C GLN B 2 -9.53 8.73 22.32
N VAL B 3 -9.33 7.45 22.03
CA VAL B 3 -10.25 6.68 21.19
C VAL B 3 -10.93 5.62 22.05
N CYS B 4 -12.09 5.18 21.58
CA CYS B 4 -12.84 4.15 22.28
C CYS B 4 -13.79 3.49 21.28
N THR B 5 -14.16 2.25 21.58
CA THR B 5 -15.09 1.51 20.74
C THR B 5 -16.51 1.95 21.08
N GLY B 6 -17.50 1.31 20.47
CA GLY B 6 -18.88 1.61 20.76
C GLY B 6 -19.69 0.35 20.99
N THR B 7 -20.81 0.52 21.67
CA THR B 7 -21.66 -0.59 22.04
C THR B 7 -22.52 -1.04 20.86
N ASP B 8 -23.03 -2.25 20.95
CA ASP B 8 -23.92 -2.83 19.95
C ASP B 8 -25.21 -3.30 20.61
N MET B 9 -25.67 -2.58 21.63
CA MET B 9 -26.92 -2.91 22.29
C MET B 9 -28.09 -2.81 21.31
N LYS B 10 -28.10 -1.76 20.48
CA LYS B 10 -29.05 -1.64 19.37
C LYS B 10 -30.50 -1.75 19.86
N LEU B 11 -30.80 -1.00 20.93
CA LEU B 11 -32.13 -0.82 21.52
C LEU B 11 -32.54 -1.97 22.43
N ARG B 12 -31.64 -2.92 22.72
CA ARG B 12 -31.95 -3.98 23.65
C ARG B 12 -31.71 -3.53 25.09
N LEU B 13 -32.37 -4.20 26.02
CA LEU B 13 -32.27 -3.82 27.42
C LEU B 13 -30.87 -4.13 27.95
N PRO B 14 -30.37 -3.32 28.88
CA PRO B 14 -29.07 -3.65 29.50
C PRO B 14 -29.14 -4.96 30.26
N ALA B 15 -28.06 -5.74 30.15
CA ALA B 15 -27.99 -7.00 30.89
C ALA B 15 -27.94 -6.75 32.39
N SER B 16 -27.22 -5.71 32.81
CA SER B 16 -27.10 -5.33 34.22
C SER B 16 -27.49 -3.87 34.37
N PRO B 17 -28.78 -3.59 34.59
CA PRO B 17 -29.20 -2.20 34.77
C PRO B 17 -28.51 -1.50 35.93
N GLU B 18 -28.14 -2.24 36.98
CA GLU B 18 -27.45 -1.63 38.11
C GLU B 18 -26.09 -1.06 37.71
N THR B 19 -25.48 -1.60 36.65
CA THR B 19 -24.14 -1.20 36.24
C THR B 19 -24.09 -0.64 34.83
N HIS B 20 -25.24 -0.41 34.20
CA HIS B 20 -25.26 0.11 32.83
C HIS B 20 -24.60 1.47 32.74
N LEU B 21 -24.92 2.37 33.67
CA LEU B 21 -24.32 3.70 33.64
C LEU B 21 -22.82 3.64 33.88
N ASP B 22 -22.38 2.76 34.78
CA ASP B 22 -20.95 2.55 34.99
C ASP B 22 -20.28 2.02 33.73
N MET B 23 -20.93 1.11 33.02
CA MET B 23 -20.41 0.63 31.75
C MET B 23 -20.15 1.78 30.79
N LEU B 24 -21.13 2.66 30.60
CA LEU B 24 -20.97 3.78 29.68
C LEU B 24 -19.85 4.71 30.11
N ARG B 25 -19.76 4.98 31.42
CA ARG B 25 -18.71 5.88 31.89
C ARG B 25 -17.32 5.31 31.64
N HIS B 26 -17.14 4.00 31.89
CA HIS B 26 -15.86 3.38 31.62
C HIS B 26 -15.52 3.40 30.13
N LEU B 27 -16.53 3.21 29.28
CA LEU B 27 -16.28 3.16 27.84
C LEU B 27 -15.96 4.52 27.25
N TYR B 28 -16.51 5.59 27.82
CA TYR B 28 -16.46 6.90 27.17
C TYR B 28 -15.73 7.98 27.95
N GLN B 29 -15.32 7.73 29.18
CA GLN B 29 -14.63 8.75 29.96
C GLN B 29 -13.33 9.15 29.28
N GLY B 30 -13.23 10.42 28.91
CA GLY B 30 -12.05 10.93 28.25
C GLY B 30 -11.97 10.61 26.77
N CYS B 31 -12.90 9.84 26.22
CA CYS B 31 -12.85 9.45 24.83
C CYS B 31 -13.28 10.60 23.93
N GLN B 32 -12.59 10.75 22.80
CA GLN B 32 -12.90 11.80 21.84
C GLN B 32 -13.45 11.28 20.52
N VAL B 33 -12.99 10.13 20.05
CA VAL B 33 -13.47 9.52 18.83
C VAL B 33 -14.06 8.16 19.17
N VAL B 34 -15.35 7.99 18.88
CA VAL B 34 -16.03 6.73 19.13
C VAL B 34 -15.93 5.90 17.86
N GLN B 35 -15.03 4.91 17.86
CA GLN B 35 -14.92 3.98 16.74
C GLN B 35 -16.00 2.92 16.90
N GLY B 36 -17.20 3.29 16.49
CA GLY B 36 -18.35 2.43 16.62
C GLY B 36 -19.60 3.27 16.80
N ASN B 37 -20.60 2.67 17.42
CA ASN B 37 -21.89 3.31 17.62
C ASN B 37 -21.97 3.88 19.03
N LEU B 38 -22.39 5.14 19.14
CA LEU B 38 -22.60 5.78 20.43
C LEU B 38 -24.05 5.58 20.81
N GLU B 39 -24.30 4.62 21.70
CA GLU B 39 -25.65 4.25 22.09
C GLU B 39 -25.87 4.66 23.54
N LEU B 40 -26.82 5.56 23.77
CA LEU B 40 -27.17 6.04 25.10
C LEU B 40 -28.63 5.67 25.33
N THR B 41 -28.85 4.56 26.03
CA THR B 41 -30.19 4.00 26.20
C THR B 41 -30.46 3.70 27.65
N TYR B 42 -31.74 3.82 28.03
CA TYR B 42 -32.24 3.44 29.35
C TYR B 42 -31.48 4.15 30.47
N LEU B 43 -31.19 5.44 30.26
CA LEU B 43 -30.54 6.22 31.30
C LEU B 43 -31.58 6.84 32.23
N PRO B 44 -31.34 6.80 33.54
CA PRO B 44 -32.31 7.35 34.49
C PRO B 44 -32.19 8.86 34.61
N THR B 45 -33.20 9.45 35.24
CA THR B 45 -33.24 10.89 35.45
C THR B 45 -32.11 11.31 36.40
N ASN B 46 -31.52 12.48 36.12
CA ASN B 46 -30.36 13.01 36.84
C ASN B 46 -29.13 12.12 36.77
N ALA B 47 -29.07 11.21 35.79
CA ALA B 47 -27.86 10.44 35.56
C ALA B 47 -26.71 11.37 35.20
N SER B 48 -25.56 11.18 35.85
CA SER B 48 -24.37 11.98 35.57
C SER B 48 -23.76 11.51 34.26
N LEU B 49 -23.79 12.38 33.24
CA LEU B 49 -23.35 12.02 31.90
C LEU B 49 -22.19 12.90 31.44
N SER B 50 -21.42 13.44 32.40
CA SER B 50 -20.34 14.35 32.05
C SER B 50 -19.26 13.69 31.20
N PHE B 51 -19.13 12.36 31.26
CA PHE B 51 -18.07 11.68 30.53
C PHE B 51 -18.22 11.78 29.03
N LEU B 52 -19.41 12.13 28.54
CA LEU B 52 -19.65 12.26 27.11
C LEU B 52 -19.16 13.59 26.54
N GLN B 53 -18.72 14.51 27.39
CA GLN B 53 -18.46 15.88 26.96
C GLN B 53 -17.29 15.99 26.01
N ASP B 54 -16.39 15.01 25.98
CA ASP B 54 -15.21 15.07 25.12
C ASP B 54 -15.44 14.45 23.76
N ILE B 55 -16.60 13.85 23.51
CA ILE B 55 -16.80 13.11 22.27
C ILE B 55 -16.98 14.08 21.11
N GLN B 56 -16.14 13.95 20.10
CA GLN B 56 -16.17 14.82 18.93
C GLN B 56 -16.57 14.09 17.65
N GLU B 57 -16.23 12.82 17.52
CA GLU B 57 -16.45 12.05 16.30
C GLU B 57 -17.05 10.70 16.65
N VAL B 58 -18.09 10.30 15.93
CA VAL B 58 -18.71 8.99 16.07
C VAL B 58 -18.57 8.26 14.75
N GLN B 59 -17.82 7.16 14.75
CA GLN B 59 -17.57 6.43 13.52
C GLN B 59 -18.85 5.80 12.97
N GLY B 60 -19.70 5.28 13.85
CA GLY B 60 -20.93 4.63 13.44
C GLY B 60 -22.14 5.54 13.52
N TYR B 61 -23.15 5.13 14.28
CA TYR B 61 -24.36 5.92 14.45
C TYR B 61 -24.49 6.35 15.90
N VAL B 62 -25.31 7.38 16.12
CA VAL B 62 -25.63 7.88 17.45
C VAL B 62 -27.06 7.51 17.75
N LEU B 63 -27.26 6.72 18.81
CA LEU B 63 -28.59 6.25 19.20
C LEU B 63 -28.89 6.71 20.61
N ILE B 64 -29.82 7.66 20.74
CA ILE B 64 -30.34 8.10 22.01
C ILE B 64 -31.77 7.60 22.10
N ALA B 65 -32.05 6.76 23.10
CA ALA B 65 -33.37 6.14 23.14
C ALA B 65 -33.72 5.71 24.56
N HIS B 66 -35.01 5.79 24.88
CA HIS B 66 -35.57 5.25 26.12
C HIS B 66 -34.90 5.85 27.35
N ASN B 67 -34.59 7.13 27.29
CA ASN B 67 -33.90 7.82 28.36
C ASN B 67 -34.84 8.74 29.12
N GLN B 68 -34.49 8.99 30.39
CA GLN B 68 -35.23 9.92 31.23
C GLN B 68 -34.47 11.20 31.51
N VAL B 69 -33.19 11.28 31.14
CA VAL B 69 -32.43 12.50 31.31
C VAL B 69 -33.07 13.62 30.51
N ARG B 70 -33.04 14.83 31.08
CA ARG B 70 -33.63 15.98 30.40
C ARG B 70 -32.70 16.60 29.38
N GLN B 71 -31.43 16.21 29.36
CA GLN B 71 -30.47 16.75 28.41
C GLN B 71 -29.32 15.76 28.28
N VAL B 72 -28.87 15.53 27.06
CA VAL B 72 -27.75 14.66 26.78
C VAL B 72 -26.52 15.52 26.55
N PRO B 73 -25.45 15.35 27.32
CA PRO B 73 -24.31 16.26 27.24
C PRO B 73 -23.38 15.95 26.07
N LEU B 74 -23.91 16.09 24.86
CA LEU B 74 -23.12 16.03 23.64
C LEU B 74 -23.17 17.43 23.03
N GLN B 75 -22.03 18.11 23.03
CA GLN B 75 -21.96 19.48 22.56
C GLN B 75 -20.67 19.76 21.80
N ARG B 76 -19.76 18.79 21.74
CA ARG B 76 -18.54 18.89 20.95
C ARG B 76 -18.53 17.88 19.83
N LEU B 77 -19.60 17.09 19.70
CA LEU B 77 -19.71 16.13 18.61
C LEU B 77 -19.82 16.87 17.29
N ARG B 78 -18.89 16.61 16.39
CA ARG B 78 -18.77 17.35 15.14
C ARG B 78 -19.27 16.57 13.94
N ILE B 79 -18.88 15.31 13.82
CA ILE B 79 -19.18 14.50 12.65
C ILE B 79 -19.68 13.13 13.09
N VAL B 80 -20.70 12.63 12.38
CA VAL B 80 -21.16 11.25 12.52
C VAL B 80 -20.92 10.59 11.17
N ARG B 81 -19.89 9.74 11.10
CA ARG B 81 -19.49 9.18 9.83
C ARG B 81 -20.53 8.21 9.27
N GLY B 82 -21.31 7.58 10.13
CA GLY B 82 -22.39 6.73 9.67
C GLY B 82 -21.95 5.46 8.97
N THR B 83 -20.76 4.95 9.28
CA THR B 83 -20.31 3.70 8.68
C THR B 83 -21.18 2.53 9.09
N GLN B 84 -21.89 2.65 10.22
CA GLN B 84 -22.90 1.69 10.65
C GLN B 84 -24.15 2.47 10.97
N LEU B 85 -25.30 2.01 10.50
CA LEU B 85 -26.52 2.77 10.57
C LEU B 85 -27.60 2.01 11.35
N PHE B 86 -28.35 2.76 12.15
CA PHE B 86 -29.46 2.19 12.91
C PHE B 86 -30.63 1.92 11.97
N GLU B 87 -30.95 0.65 11.77
CA GLU B 87 -32.01 0.15 10.89
C GLU B 87 -31.55 0.24 9.44
N ASP B 88 -30.29 0.62 9.21
CA ASP B 88 -29.59 0.76 7.94
C ASP B 88 -29.93 2.08 7.26
N ASN B 89 -30.77 2.93 7.87
CA ASN B 89 -31.21 4.15 7.23
C ASN B 89 -30.91 5.43 8.00
N TYR B 90 -30.43 5.35 9.24
CA TYR B 90 -30.32 6.53 10.09
C TYR B 90 -29.00 6.53 10.83
N ALA B 91 -28.21 7.58 10.61
CA ALA B 91 -26.97 7.76 11.37
C ALA B 91 -27.21 8.41 12.72
N LEU B 92 -28.37 9.03 12.92
CA LEU B 92 -28.75 9.62 14.19
C LEU B 92 -30.19 9.21 14.49
N ALA B 93 -30.43 8.73 15.72
CA ALA B 93 -31.75 8.24 16.09
C ALA B 93 -32.05 8.68 17.52
N VAL B 94 -33.18 9.37 17.69
CA VAL B 94 -33.63 9.85 18.99
C VAL B 94 -35.06 9.34 19.15
N LEU B 95 -35.24 8.30 19.97
CA LEU B 95 -36.49 7.56 20.03
C LEU B 95 -36.94 7.38 21.47
N ASP B 96 -38.23 7.67 21.73
CA ASP B 96 -38.89 7.27 22.98
C ASP B 96 -38.17 7.82 24.21
N ASN B 97 -37.66 9.05 24.11
CA ASN B 97 -37.01 9.71 25.24
C ASN B 97 -38.08 10.45 26.06
N GLY B 98 -38.93 9.67 26.71
CA GLY B 98 -40.00 10.23 27.52
C GLY B 98 -40.14 9.53 28.85
N GLY B 113 -39.54 12.95 33.25
CA GLY B 113 -38.38 13.46 32.54
C GLY B 113 -38.47 13.29 31.04
N GLY B 114 -37.31 13.16 30.40
CA GLY B 114 -37.24 12.99 28.96
C GLY B 114 -36.40 14.05 28.30
N LEU B 115 -35.89 13.76 27.10
CA LEU B 115 -35.02 14.71 26.41
C LEU B 115 -35.78 16.00 26.09
N ARG B 116 -35.16 17.13 26.40
CA ARG B 116 -35.75 18.44 26.18
C ARG B 116 -35.11 19.19 25.02
N GLU B 117 -33.79 19.11 24.87
CA GLU B 117 -33.08 19.77 23.79
C GLU B 117 -31.96 18.89 23.30
N LEU B 118 -31.83 18.75 21.98
CA LEU B 118 -30.73 17.98 21.42
C LEU B 118 -29.38 18.61 21.74
N GLN B 119 -29.28 19.93 21.62
CA GLN B 119 -28.09 20.69 22.01
C GLN B 119 -26.84 20.21 21.28
N LEU B 120 -26.99 19.77 20.03
CA LEU B 120 -25.86 19.31 19.22
C LEU B 120 -25.20 20.50 18.51
N ARG B 121 -24.79 21.47 19.33
CA ARG B 121 -24.31 22.76 18.80
C ARG B 121 -23.25 22.61 17.72
N SER B 122 -22.34 21.66 17.89
CA SER B 122 -21.20 21.53 16.99
C SER B 122 -21.40 20.49 15.91
N LEU B 123 -22.59 19.91 15.79
CA LEU B 123 -22.85 18.89 14.79
C LEU B 123 -23.07 19.58 13.45
N THR B 124 -22.15 19.37 12.50
CA THR B 124 -22.22 20.04 11.22
C THR B 124 -21.82 19.11 10.08
N GLU B 125 -21.98 17.79 10.27
CA GLU B 125 -21.67 16.85 9.20
C GLU B 125 -22.14 15.44 9.52
N ILE B 126 -22.84 14.82 8.58
CA ILE B 126 -23.20 13.41 8.63
C ILE B 126 -22.80 12.79 7.30
N LEU B 127 -21.76 11.94 7.32
CA LEU B 127 -21.22 11.43 6.07
C LEU B 127 -22.18 10.49 5.36
N LYS B 128 -22.87 9.63 6.11
CA LYS B 128 -23.80 8.68 5.51
C LYS B 128 -24.93 8.40 6.49
N GLY B 129 -26.16 8.43 6.00
CA GLY B 129 -27.32 8.14 6.81
C GLY B 129 -28.13 9.38 7.12
N GLY B 130 -29.36 9.15 7.59
CA GLY B 130 -30.28 10.20 7.92
C GLY B 130 -30.52 10.34 9.41
N VAL B 131 -31.63 10.99 9.74
CA VAL B 131 -31.98 11.29 11.12
C VAL B 131 -33.37 10.75 11.41
N LEU B 132 -33.52 10.07 12.54
CA LEU B 132 -34.81 9.55 12.99
C LEU B 132 -35.09 10.07 14.39
N ILE B 133 -35.99 11.05 14.50
CA ILE B 133 -36.41 11.60 15.78
C ILE B 133 -37.89 11.30 15.95
N GLN B 134 -38.22 10.39 16.86
CA GLN B 134 -39.58 9.92 17.04
C GLN B 134 -39.93 9.77 18.52
N ARG B 135 -41.16 10.15 18.86
CA ARG B 135 -41.75 9.85 20.17
C ARG B 135 -40.96 10.46 21.32
N ASN B 136 -40.69 11.77 21.21
CA ASN B 136 -40.02 12.53 22.26
C ASN B 136 -40.98 13.61 22.74
N PRO B 137 -41.75 13.36 23.80
CA PRO B 137 -42.78 14.32 24.22
C PRO B 137 -42.26 15.52 24.98
N GLN B 138 -40.95 15.74 25.01
CA GLN B 138 -40.36 16.91 25.63
C GLN B 138 -39.35 17.63 24.74
N LEU B 139 -39.00 17.05 23.60
CA LEU B 139 -38.05 17.68 22.70
C LEU B 139 -38.70 18.88 22.02
N CYS B 140 -37.92 19.92 21.78
CA CYS B 140 -38.49 21.19 21.35
C CYS B 140 -38.04 21.64 19.97
N TYR B 141 -36.73 21.63 19.69
CA TYR B 141 -36.19 22.36 18.55
C TYR B 141 -35.65 21.44 17.46
N GLN B 142 -36.14 20.19 17.40
CA GLN B 142 -35.70 19.32 16.32
C GLN B 142 -36.22 19.77 14.96
N ASP B 143 -37.31 20.52 14.93
CA ASP B 143 -37.90 20.96 13.67
C ASP B 143 -37.16 22.13 13.04
N THR B 144 -36.59 23.04 13.83
CA THR B 144 -35.99 24.25 13.27
C THR B 144 -34.67 23.99 12.58
N ILE B 145 -34.09 22.80 12.72
CA ILE B 145 -32.78 22.51 12.16
C ILE B 145 -32.91 22.25 10.67
N LEU B 146 -31.98 22.81 9.90
CA LEU B 146 -31.88 22.50 8.47
C LEU B 146 -30.97 21.29 8.33
N TRP B 147 -31.57 20.11 8.25
CA TRP B 147 -30.80 18.87 8.23
C TRP B 147 -30.06 18.69 6.90
N LYS B 148 -30.58 19.26 5.82
CA LYS B 148 -29.89 19.20 4.54
C LYS B 148 -28.51 19.84 4.61
N ASP B 149 -28.34 20.82 5.51
CA ASP B 149 -27.02 21.41 5.73
C ASP B 149 -26.06 20.40 6.36
N ILE B 150 -26.52 19.71 7.40
CA ILE B 150 -25.66 18.77 8.12
C ILE B 150 -25.27 17.62 7.21
N PHE B 151 -26.22 17.11 6.42
CA PHE B 151 -25.94 16.00 5.53
C PHE B 151 -24.88 16.38 4.50
N HIS B 152 -23.94 15.47 4.28
CA HIS B 152 -22.90 15.69 3.29
C HIS B 152 -23.49 15.66 1.88
N LYS B 153 -22.78 16.29 0.95
CA LYS B 153 -23.30 16.41 -0.41
C LYS B 153 -23.53 15.03 -1.03
N ASN B 154 -22.62 14.09 -0.78
CA ASN B 154 -22.82 12.73 -1.24
C ASN B 154 -24.05 12.11 -0.56
N ASN B 155 -24.28 12.45 0.70
CA ASN B 155 -25.36 11.88 1.51
C ASN B 155 -26.61 12.73 1.46
N GLN B 156 -26.91 13.36 0.33
CA GLN B 156 -28.18 14.07 0.21
C GLN B 156 -29.36 13.10 0.09
N LEU B 157 -29.08 11.83 -0.17
CA LEU B 157 -30.12 10.79 -0.13
C LEU B 157 -30.66 10.57 1.28
N ALA B 158 -29.95 11.06 2.30
CA ALA B 158 -30.35 10.88 3.69
C ALA B 158 -31.81 11.25 3.91
N LEU B 159 -32.56 10.31 4.47
CA LEU B 159 -33.97 10.52 4.78
C LEU B 159 -34.11 10.97 6.23
N THR B 160 -34.85 12.07 6.44
CA THR B 160 -35.15 12.58 7.77
C THR B 160 -36.60 12.27 8.11
N LEU B 161 -36.81 11.51 9.16
CA LEU B 161 -38.15 11.22 9.68
C LEU B 161 -38.21 11.83 11.09
N ILE B 162 -38.79 13.02 11.18
CA ILE B 162 -38.80 13.79 12.43
C ILE B 162 -40.24 13.86 12.92
N ASP B 163 -40.44 13.58 14.21
CA ASP B 163 -41.75 13.63 14.82
C ASP B 163 -41.86 14.89 15.66
N THR B 164 -42.93 15.65 15.44
CA THR B 164 -43.12 16.95 16.07
C THR B 164 -44.28 16.95 17.05
N ASN B 165 -44.60 15.79 17.62
CA ASN B 165 -45.69 15.67 18.58
C ASN B 165 -45.10 15.90 19.97
N ARG B 166 -45.22 17.14 20.45
CA ARG B 166 -44.53 17.59 21.64
C ARG B 166 -45.53 18.18 22.62
N SER B 167 -45.46 17.74 23.87
CA SER B 167 -46.36 18.25 24.91
C SER B 167 -45.66 19.33 25.75
N ARG B 168 -45.28 20.41 25.07
CA ARG B 168 -44.61 21.54 25.71
C ARG B 168 -45.02 22.83 25.03
N ALA B 169 -45.19 23.88 25.83
CA ALA B 169 -45.31 25.24 25.32
C ALA B 169 -43.91 25.84 25.36
N CYS B 170 -43.19 25.72 24.25
CA CYS B 170 -41.75 25.92 24.28
C CYS B 170 -41.38 27.40 24.16
N HIS B 171 -40.36 27.79 24.92
CA HIS B 171 -39.86 29.15 24.86
C HIS B 171 -39.33 29.44 23.45
N PRO B 172 -39.64 30.61 22.89
CA PRO B 172 -39.28 30.87 21.50
C PRO B 172 -37.78 30.81 21.25
N CYS B 173 -37.43 30.47 20.00
CA CYS B 173 -36.04 30.44 19.57
C CYS B 173 -35.38 31.78 19.83
N SER B 174 -34.17 31.74 20.37
CA SER B 174 -33.44 32.94 20.75
C SER B 174 -33.40 33.94 19.60
N PRO B 175 -33.77 35.21 19.83
CA PRO B 175 -33.68 36.20 18.75
C PRO B 175 -32.27 36.40 18.23
N MET B 176 -31.26 36.26 19.10
CA MET B 176 -29.87 36.36 18.65
C MET B 176 -29.58 35.34 17.57
N CYS B 177 -30.09 34.11 17.73
CA CYS B 177 -29.90 33.08 16.73
C CYS B 177 -30.51 33.49 15.40
N LYS B 178 -29.72 33.38 14.33
CA LYS B 178 -30.19 33.78 13.02
C LYS B 178 -30.85 32.59 12.31
N GLY B 179 -31.58 32.90 11.23
CA GLY B 179 -32.29 31.90 10.46
C GLY B 179 -33.28 31.06 11.24
N SER B 180 -33.52 31.42 12.50
CA SER B 180 -34.40 30.70 13.42
C SER B 180 -34.00 29.22 13.58
N ARG B 181 -32.76 28.87 13.27
CA ARG B 181 -32.24 27.52 13.45
C ARG B 181 -31.54 27.46 14.80
N CYS B 182 -32.15 26.75 15.75
CA CYS B 182 -31.64 26.62 17.11
C CYS B 182 -31.67 25.18 17.55
N TRP B 183 -30.57 24.73 18.18
CA TRP B 183 -30.56 23.46 18.89
C TRP B 183 -31.18 23.57 20.27
N GLY B 184 -31.45 24.78 20.74
CA GLY B 184 -31.96 24.98 22.09
C GLY B 184 -32.42 26.42 22.25
N GLU B 185 -32.92 26.70 23.46
CA GLU B 185 -33.45 28.04 23.74
C GLU B 185 -32.35 29.07 23.91
N SER B 186 -31.16 28.64 24.32
CA SER B 186 -30.09 29.57 24.60
C SER B 186 -29.50 30.14 23.30
N SER B 187 -28.88 31.32 23.43
CA SER B 187 -28.29 31.98 22.27
C SER B 187 -27.06 31.25 21.75
N GLU B 188 -26.48 30.34 22.54
CA GLU B 188 -25.33 29.57 22.09
C GLU B 188 -25.72 28.50 21.08
N ASP B 189 -27.00 28.18 20.98
CA ASP B 189 -27.47 26.97 20.31
C ASP B 189 -27.87 27.20 18.85
N CYS B 190 -27.53 28.35 18.28
CA CYS B 190 -27.79 28.57 16.86
C CYS B 190 -27.06 27.55 16.00
N GLN B 191 -27.76 27.04 14.99
CA GLN B 191 -27.14 26.13 14.05
C GLN B 191 -26.17 26.87 13.15
N SER B 192 -24.95 26.36 13.04
CA SER B 192 -23.94 26.94 12.16
C SER B 192 -24.08 26.36 10.77
N LEU B 193 -24.29 27.22 9.79
CA LEU B 193 -24.53 26.80 8.41
C LEU B 193 -23.19 26.69 7.68
N THR B 194 -22.92 25.53 7.09
CA THR B 194 -21.62 25.28 6.48
C THR B 194 -21.68 24.62 5.10
N ARG B 195 -22.87 24.38 4.55
CA ARG B 195 -22.93 23.75 3.24
C ARG B 195 -23.88 24.50 2.30
N THR B 196 -24.85 25.21 2.86
CA THR B 196 -25.87 25.88 2.08
C THR B 196 -25.66 27.40 2.05
N VAL B 197 -24.55 27.87 2.60
CA VAL B 197 -24.24 29.29 2.63
C VAL B 197 -22.91 29.51 1.91
N CYS B 198 -22.65 28.72 0.87
CA CYS B 198 -21.35 28.66 0.22
C CYS B 198 -21.47 29.28 -1.16
N ALA B 199 -20.63 30.28 -1.44
CA ALA B 199 -20.54 30.87 -2.78
C ALA B 199 -19.42 30.16 -3.54
N GLY B 200 -19.73 28.98 -4.04
CA GLY B 200 -18.76 28.21 -4.79
C GLY B 200 -19.20 26.77 -4.91
N GLY B 201 -18.26 25.94 -5.38
CA GLY B 201 -18.47 24.52 -5.48
C GLY B 201 -17.85 23.74 -4.35
N CYS B 202 -17.33 24.43 -3.33
CA CYS B 202 -16.69 23.76 -2.21
C CYS B 202 -17.72 23.01 -1.38
N ALA B 203 -17.34 21.82 -0.91
CA ALA B 203 -18.26 21.02 -0.10
C ALA B 203 -18.58 21.71 1.23
N ARG B 204 -17.59 22.34 1.85
CA ARG B 204 -17.77 22.98 3.15
C ARG B 204 -17.20 24.39 3.09
N CYS B 205 -17.78 25.29 3.89
CA CYS B 205 -17.37 26.68 3.89
C CYS B 205 -17.55 27.24 5.30
N LYS B 206 -16.59 28.04 5.74
CA LYS B 206 -16.74 28.77 7.00
C LYS B 206 -17.43 30.10 6.83
N GLY B 207 -17.60 30.58 5.60
CA GLY B 207 -18.20 31.88 5.37
C GLY B 207 -18.79 32.01 3.98
N PRO B 208 -19.56 33.07 3.76
CA PRO B 208 -20.14 33.29 2.42
C PRO B 208 -19.12 33.48 1.32
N LEU B 209 -18.00 34.13 1.60
CA LEU B 209 -17.04 34.46 0.55
C LEU B 209 -16.46 33.18 -0.04
N PRO B 210 -16.18 33.17 -1.35
CA PRO B 210 -15.64 31.94 -1.97
C PRO B 210 -14.30 31.50 -1.37
N THR B 211 -13.44 32.46 -1.02
CA THR B 211 -12.20 32.14 -0.35
C THR B 211 -12.43 31.37 0.95
N ASP B 212 -13.58 31.58 1.59
CA ASP B 212 -13.82 30.99 2.90
C ASP B 212 -14.09 29.49 2.87
N CYS B 213 -14.34 28.90 1.70
CA CYS B 213 -14.66 27.48 1.71
C CYS B 213 -13.44 26.66 2.15
N CYS B 214 -13.71 25.41 2.51
CA CYS B 214 -12.72 24.54 3.11
C CYS B 214 -12.06 23.62 2.08
N HIS B 215 -10.98 22.98 2.52
CA HIS B 215 -10.18 22.13 1.66
C HIS B 215 -11.00 20.90 1.28
N GLU B 216 -10.61 20.27 0.16
CA GLU B 216 -11.40 19.15 -0.36
C GLU B 216 -11.42 17.99 0.63
N GLN B 217 -10.37 17.83 1.42
CA GLN B 217 -10.34 16.82 2.47
C GLN B 217 -10.99 17.29 3.76
N CYS B 218 -11.17 18.60 3.91
CA CYS B 218 -11.79 19.13 5.13
C CYS B 218 -13.22 18.64 5.26
N ALA B 219 -13.63 18.34 6.49
CA ALA B 219 -14.97 17.86 6.77
C ALA B 219 -15.54 18.61 7.97
N ALA B 220 -16.87 18.74 7.99
CA ALA B 220 -17.60 19.39 9.07
C ALA B 220 -17.27 20.87 9.22
N GLY B 221 -16.43 21.39 8.32
CA GLY B 221 -16.03 22.79 8.34
C GLY B 221 -14.54 22.94 8.53
N CYS B 222 -14.12 24.19 8.71
CA CYS B 222 -12.70 24.50 8.84
C CYS B 222 -12.53 25.82 9.55
N THR B 223 -11.32 26.03 10.08
CA THR B 223 -10.90 27.32 10.58
C THR B 223 -10.02 28.08 9.61
N GLY B 224 -9.80 27.54 8.41
CA GLY B 224 -8.91 28.14 7.45
C GLY B 224 -8.94 27.42 6.11
N PRO B 225 -8.12 27.87 5.17
CA PRO B 225 -8.17 27.30 3.81
C PRO B 225 -7.36 26.02 3.64
N LYS B 226 -6.41 25.74 4.53
CA LYS B 226 -5.50 24.62 4.33
C LYS B 226 -6.12 23.32 4.85
N HIS B 227 -5.37 22.23 4.68
CA HIS B 227 -5.81 20.92 5.13
C HIS B 227 -5.69 20.73 6.64
N SER B 228 -4.74 21.43 7.28
CA SER B 228 -4.62 21.33 8.73
C SER B 228 -5.85 21.89 9.44
N ASP B 229 -6.43 22.96 8.90
CA ASP B 229 -7.47 23.73 9.59
C ASP B 229 -8.75 22.95 9.86
N CYS B 230 -9.01 21.86 9.14
CA CYS B 230 -10.32 21.21 9.20
C CYS B 230 -10.71 20.82 10.62
N LEU B 231 -11.99 21.04 10.95
CA LEU B 231 -12.52 20.60 12.23
C LEU B 231 -12.56 19.08 12.31
N ALA B 232 -12.91 18.42 11.20
CA ALA B 232 -12.88 16.98 11.10
C ALA B 232 -12.29 16.59 9.76
N CYS B 233 -11.80 15.36 9.67
CA CYS B 233 -11.13 14.87 8.48
C CYS B 233 -12.07 13.97 7.70
N LEU B 234 -12.09 14.14 6.37
CA LEU B 234 -13.03 13.39 5.55
C LEU B 234 -12.66 11.92 5.47
N HIS B 235 -11.37 11.60 5.29
CA HIS B 235 -10.93 10.21 5.18
C HIS B 235 -10.04 9.80 6.34
N PHE B 236 -8.81 10.30 6.42
CA PHE B 236 -7.85 9.82 7.41
C PHE B 236 -7.13 11.00 8.06
N ASN B 237 -7.32 11.17 9.36
CA ASN B 237 -6.60 12.20 10.09
C ASN B 237 -5.13 11.79 10.24
N HIS B 238 -4.22 12.71 9.99
CA HIS B 238 -2.79 12.45 10.11
C HIS B 238 -2.18 13.48 11.05
N SER B 239 -2.41 13.31 12.35
CA SER B 239 -1.94 14.22 13.38
C SER B 239 -2.35 15.67 13.04
N GLY B 240 -3.65 15.87 12.91
CA GLY B 240 -4.17 17.17 12.59
C GLY B 240 -4.14 17.52 11.12
N ILE B 241 -3.76 16.58 10.26
CA ILE B 241 -3.73 16.77 8.81
C ILE B 241 -4.64 15.74 8.18
N CYS B 242 -5.48 16.19 7.24
CA CYS B 242 -6.46 15.33 6.60
C CYS B 242 -5.91 14.90 5.24
N GLU B 243 -5.81 13.58 5.03
CA GLU B 243 -5.23 13.02 3.82
C GLU B 243 -6.11 11.90 3.30
N LEU B 244 -6.10 11.74 1.97
CA LEU B 244 -6.83 10.64 1.35
C LEU B 244 -6.41 9.30 1.92
N HIS B 245 -5.10 9.12 2.14
CA HIS B 245 -4.56 7.89 2.68
C HIS B 245 -3.39 8.23 3.60
N CYS B 246 -3.12 7.35 4.55
CA CYS B 246 -1.91 7.49 5.34
C CYS B 246 -0.67 7.27 4.48
N PRO B 247 0.44 7.91 4.81
CA PRO B 247 1.70 7.63 4.10
C PRO B 247 2.04 6.16 4.17
N ALA B 248 2.18 5.55 3.00
CA ALA B 248 2.46 4.12 2.92
C ALA B 248 3.81 3.80 3.57
N LEU B 249 3.90 2.59 4.14
CA LEU B 249 5.14 2.19 4.79
C LEU B 249 6.28 2.08 3.78
N VAL B 250 5.98 1.72 2.55
CA VAL B 250 6.95 1.68 1.47
C VAL B 250 6.53 2.66 0.39
N THR B 251 7.51 3.16 -0.36
CA THR B 251 7.25 4.10 -1.44
C THR B 251 7.98 3.62 -2.68
N TYR B 252 7.46 4.03 -3.84
CA TYR B 252 7.93 3.54 -5.13
C TYR B 252 8.87 4.55 -5.76
N ASN B 253 10.01 4.07 -6.24
CA ASN B 253 10.95 4.89 -7.00
C ASN B 253 10.76 4.56 -8.48
N THR B 254 10.35 5.57 -9.25
CA THR B 254 10.11 5.36 -10.67
C THR B 254 11.42 5.28 -11.45
N ASP B 255 12.41 6.08 -11.08
CA ASP B 255 13.69 6.08 -11.79
C ASP B 255 14.37 4.73 -11.71
N THR B 256 14.54 4.21 -10.49
CA THR B 256 15.26 2.97 -10.27
C THR B 256 14.34 1.75 -10.24
N PHE B 257 13.02 1.96 -10.30
CA PHE B 257 12.04 0.88 -10.42
C PHE B 257 12.13 -0.07 -9.22
N GLU B 258 12.11 0.49 -8.02
CA GLU B 258 12.12 -0.34 -6.82
C GLU B 258 11.41 0.38 -5.70
N SER B 259 10.95 -0.40 -4.72
CA SER B 259 10.33 0.15 -3.53
C SER B 259 11.40 0.39 -2.46
N MET B 260 11.15 1.39 -1.62
CA MET B 260 12.05 1.71 -0.53
C MET B 260 11.23 1.95 0.73
N PRO B 261 11.81 1.67 1.91
CA PRO B 261 11.11 2.00 3.15
C PRO B 261 10.86 3.49 3.28
N ASN B 262 9.70 3.83 3.82
CA ASN B 262 9.32 5.23 4.01
C ASN B 262 9.41 5.57 5.49
N PRO B 263 10.37 6.40 5.90
CA PRO B 263 10.40 6.82 7.32
C PRO B 263 9.14 7.55 7.74
N GLU B 264 8.52 8.30 6.83
CA GLU B 264 7.27 9.00 7.12
C GLU B 264 6.06 8.08 7.09
N GLY B 265 6.22 6.83 6.65
CA GLY B 265 5.13 5.88 6.57
C GLY B 265 4.35 5.72 7.86
N ARG B 266 3.04 5.48 7.73
CA ARG B 266 2.14 5.43 8.88
C ARG B 266 1.26 4.20 8.79
N TYR B 267 0.89 3.67 9.94
CA TYR B 267 -0.09 2.60 10.02
C TYR B 267 -1.50 3.19 10.05
N THR B 268 -2.42 2.51 9.39
CA THR B 268 -3.80 2.98 9.27
C THR B 268 -4.64 2.33 10.36
N PHE B 269 -5.14 3.15 11.29
CA PHE B 269 -5.98 2.68 12.39
C PHE B 269 -7.29 3.46 12.34
N GLY B 270 -8.37 2.76 11.99
CA GLY B 270 -9.67 3.42 11.91
C GLY B 270 -9.63 4.58 10.93
N ALA B 271 -10.09 5.74 11.37
CA ALA B 271 -10.09 6.95 10.57
C ALA B 271 -8.85 7.80 10.79
N SER B 272 -7.86 7.30 11.52
CA SER B 272 -6.64 8.02 11.83
C SER B 272 -5.43 7.27 11.27
N CYS B 273 -4.27 7.93 11.35
CA CYS B 273 -3.01 7.35 10.90
C CYS B 273 -2.01 7.47 12.06
N VAL B 274 -1.43 6.35 12.47
CA VAL B 274 -0.65 6.29 13.69
C VAL B 274 0.73 5.73 13.41
N THR B 275 1.68 6.08 14.28
CA THR B 275 3.05 5.61 14.13
C THR B 275 3.15 4.11 14.39
N ALA B 276 2.57 3.66 15.50
CA ALA B 276 2.65 2.26 15.91
C ALA B 276 1.25 1.69 16.06
N CYS B 277 1.12 0.42 15.70
CA CYS B 277 -0.18 -0.24 15.74
C CYS B 277 -0.68 -0.32 17.17
N PRO B 278 -1.94 0.02 17.44
CA PRO B 278 -2.45 -0.04 18.81
C PRO B 278 -2.47 -1.48 19.32
N TYR B 279 -2.43 -1.60 20.65
CA TYR B 279 -2.41 -2.91 21.28
C TYR B 279 -3.68 -3.68 20.96
N ASN B 280 -3.55 -5.00 20.85
CA ASN B 280 -4.63 -5.93 20.56
C ASN B 280 -5.11 -5.85 19.13
N TYR B 281 -4.34 -5.22 18.24
CA TYR B 281 -4.67 -5.13 16.83
C TYR B 281 -3.58 -5.81 16.00
N LEU B 282 -3.98 -6.36 14.87
CA LEU B 282 -3.07 -7.04 13.96
C LEU B 282 -2.45 -6.04 13.00
N SER B 283 -1.13 -6.07 12.88
CA SER B 283 -0.42 -5.29 11.88
C SER B 283 -0.33 -6.08 10.58
N THR B 284 -0.48 -5.38 9.46
CA THR B 284 -0.32 -5.98 8.15
C THR B 284 0.83 -5.31 7.40
N ASP B 285 1.32 -6.01 6.38
CA ASP B 285 2.46 -5.50 5.62
C ASP B 285 2.10 -4.21 4.89
N VAL B 286 0.88 -4.13 4.36
CA VAL B 286 0.42 -2.92 3.68
C VAL B 286 0.26 -1.75 4.62
N GLY B 287 0.31 -1.99 5.93
CA GLY B 287 0.22 -0.92 6.91
C GLY B 287 -1.13 -0.71 7.54
N PHE B 288 -2.01 -1.71 7.49
CA PHE B 288 -3.35 -1.61 8.06
C PHE B 288 -3.37 -2.27 9.42
N CYS B 289 -3.91 -1.58 10.41
CA CYS B 289 -4.09 -2.14 11.74
C CYS B 289 -5.49 -2.74 11.83
N THR B 290 -5.56 -4.07 11.82
CA THR B 290 -6.80 -4.80 11.65
C THR B 290 -7.10 -5.67 12.87
N LEU B 291 -8.31 -6.21 12.88
CA LEU B 291 -8.73 -7.15 13.91
C LEU B 291 -8.71 -8.61 13.45
N VAL B 292 -8.68 -8.86 12.15
CA VAL B 292 -8.51 -10.19 11.60
C VAL B 292 -7.46 -10.13 10.49
N CYS B 293 -6.77 -11.25 10.28
CA CYS B 293 -5.79 -11.29 9.22
C CYS B 293 -6.49 -11.43 7.85
N PRO B 294 -5.89 -10.88 6.80
CA PRO B 294 -6.45 -11.08 5.46
C PRO B 294 -6.38 -12.54 5.04
N LEU B 295 -6.93 -12.87 3.87
CA LEU B 295 -6.95 -14.26 3.43
C LEU B 295 -5.52 -14.74 3.19
N HIS B 296 -5.28 -16.01 3.52
CA HIS B 296 -3.97 -16.64 3.38
C HIS B 296 -2.91 -16.00 4.27
N ASN B 297 -3.33 -15.32 5.33
CA ASN B 297 -2.42 -14.71 6.29
C ASN B 297 -2.67 -15.29 7.66
N GLN B 298 -1.60 -15.67 8.35
CA GLN B 298 -1.67 -16.23 9.69
C GLN B 298 -1.14 -15.25 10.72
N GLU B 299 -1.74 -15.25 11.91
CA GLU B 299 -1.25 -14.42 13.00
C GLU B 299 0.05 -14.98 13.55
N VAL B 300 0.94 -14.08 13.97
CA VAL B 300 2.23 -14.48 14.51
C VAL B 300 2.77 -13.33 15.35
N THR B 301 3.63 -13.68 16.31
CA THR B 301 4.35 -12.67 17.09
C THR B 301 5.47 -12.06 16.28
N ALA B 302 5.58 -10.74 16.33
CA ALA B 302 6.66 -10.04 15.66
C ALA B 302 8.01 -10.42 16.24
N THR B 306 4.52 -8.78 19.71
CA THR B 306 3.28 -8.13 19.30
C THR B 306 2.49 -9.00 18.33
N GLN B 307 1.59 -8.36 17.58
CA GLN B 307 0.68 -9.05 16.68
C GLN B 307 0.95 -8.62 15.24
N ARG B 308 1.01 -9.59 14.34
CA ARG B 308 1.34 -9.37 12.94
C ARG B 308 0.63 -10.41 12.09
N CYS B 309 0.42 -10.08 10.82
CA CYS B 309 -0.28 -10.95 9.88
C CYS B 309 0.67 -11.26 8.74
N GLU B 310 1.15 -12.49 8.67
CA GLU B 310 2.10 -12.90 7.65
C GLU B 310 1.47 -13.90 6.69
N LYS B 311 1.76 -13.72 5.40
CA LYS B 311 1.34 -14.70 4.40
C LYS B 311 2.05 -16.02 4.65
N CYS B 312 1.35 -17.12 4.37
CA CYS B 312 1.91 -18.45 4.52
C CYS B 312 2.27 -18.99 3.15
N SER B 313 3.56 -19.25 2.91
CA SER B 313 3.96 -19.77 1.62
C SER B 313 3.34 -21.15 1.40
N LYS B 314 3.40 -22.00 2.42
CA LYS B 314 2.66 -23.23 2.42
C LYS B 314 1.22 -22.89 2.79
N PRO B 315 0.25 -23.74 2.43
CA PRO B 315 -1.13 -23.46 2.85
C PRO B 315 -1.22 -23.41 4.37
N CYS B 316 -1.83 -22.34 4.88
CA CYS B 316 -1.92 -22.17 6.33
C CYS B 316 -2.65 -23.35 6.95
N ALA B 317 -2.23 -23.71 8.17
CA ALA B 317 -2.77 -24.86 8.87
C ALA B 317 -4.22 -24.61 9.26
N ARG B 318 -4.84 -25.66 9.79
CA ARG B 318 -6.25 -25.58 10.17
C ARG B 318 -6.38 -24.74 11.44
N VAL B 319 -7.21 -23.70 11.37
CA VAL B 319 -7.46 -22.81 12.50
C VAL B 319 -8.90 -23.00 12.94
N CYS B 320 -9.08 -23.25 14.24
CA CYS B 320 -10.42 -23.37 14.79
C CYS B 320 -11.15 -22.03 14.72
N TYR B 321 -12.42 -22.08 14.35
CA TYR B 321 -13.25 -20.88 14.24
C TYR B 321 -14.36 -20.95 15.27
N GLY B 322 -14.47 -19.89 16.08
CA GLY B 322 -15.50 -19.79 17.09
C GLY B 322 -16.76 -19.18 16.54
N LEU B 323 -17.66 -18.83 17.46
CA LEU B 323 -18.92 -18.19 17.08
C LEU B 323 -18.63 -16.83 16.45
N GLY B 324 -19.43 -16.48 15.45
CA GLY B 324 -19.27 -15.22 14.77
C GLY B 324 -18.23 -15.22 13.65
N MET B 325 -17.60 -16.35 13.37
CA MET B 325 -16.61 -16.45 12.31
C MET B 325 -16.95 -17.61 11.38
N GLU B 326 -16.96 -17.34 10.07
CA GLU B 326 -17.12 -18.34 9.01
C GLU B 326 -18.44 -19.08 9.22
N HIS B 327 -18.46 -20.42 9.18
CA HIS B 327 -19.70 -21.19 9.29
C HIS B 327 -20.49 -20.86 10.55
N LEU B 328 -19.84 -20.33 11.59
CA LEU B 328 -20.49 -20.05 12.86
C LEU B 328 -20.75 -18.56 13.03
N ARG B 329 -20.91 -17.84 11.93
CA ARG B 329 -21.14 -16.40 12.00
C ARG B 329 -22.55 -16.07 12.48
N GLU B 330 -23.52 -16.92 12.17
CA GLU B 330 -24.91 -16.72 12.57
C GLU B 330 -25.35 -17.72 13.63
N VAL B 331 -24.42 -18.22 14.43
CA VAL B 331 -24.70 -19.19 15.48
C VAL B 331 -24.65 -18.47 16.82
N ARG B 332 -25.68 -18.67 17.64
CA ARG B 332 -25.81 -17.91 18.87
C ARG B 332 -24.97 -18.49 20.01
N ALA B 333 -24.90 -19.82 20.11
CA ALA B 333 -24.29 -20.45 21.26
C ALA B 333 -23.61 -21.75 20.87
N VAL B 334 -22.71 -22.20 21.73
CA VAL B 334 -22.10 -23.52 21.59
C VAL B 334 -23.10 -24.57 22.04
N THR B 335 -23.35 -25.55 21.19
CA THR B 335 -24.32 -26.60 21.46
C THR B 335 -23.72 -27.95 21.11
N SER B 336 -24.47 -29.01 21.40
CA SER B 336 -24.01 -30.35 21.04
C SER B 336 -23.82 -30.51 19.54
N ALA B 337 -24.51 -29.69 18.73
CA ALA B 337 -24.33 -29.75 17.29
C ALA B 337 -22.91 -29.36 16.90
N ASN B 338 -22.34 -28.34 17.54
CA ASN B 338 -21.06 -27.78 17.14
C ASN B 338 -20.01 -27.86 18.24
N ILE B 339 -20.24 -28.66 19.28
CA ILE B 339 -19.29 -28.75 20.38
C ILE B 339 -18.01 -29.43 19.93
N GLN B 340 -18.12 -30.44 19.08
CA GLN B 340 -16.95 -31.21 18.65
C GLN B 340 -16.08 -30.45 17.65
N GLU B 341 -16.54 -29.31 17.13
CA GLU B 341 -15.68 -28.49 16.30
C GLU B 341 -14.54 -27.86 17.09
N PHE B 342 -14.65 -27.80 18.41
CA PHE B 342 -13.61 -27.25 19.27
C PHE B 342 -12.77 -28.32 19.94
N ALA B 343 -12.86 -29.57 19.48
CA ALA B 343 -12.08 -30.66 20.06
C ALA B 343 -10.60 -30.50 19.71
N GLY B 344 -9.75 -30.44 20.73
CA GLY B 344 -8.32 -30.28 20.54
C GLY B 344 -7.87 -28.89 20.13
N CYS B 345 -8.79 -27.94 19.98
CA CYS B 345 -8.41 -26.57 19.64
C CYS B 345 -7.55 -25.95 20.75
N LYS B 346 -6.43 -25.37 20.36
CA LYS B 346 -5.62 -24.58 21.27
C LYS B 346 -5.97 -23.09 21.21
N LYS B 347 -6.43 -22.61 20.06
CA LYS B 347 -6.75 -21.20 19.88
C LYS B 347 -8.01 -21.10 19.03
N ILE B 348 -9.02 -20.42 19.56
CA ILE B 348 -10.31 -20.27 18.90
C ILE B 348 -10.36 -18.90 18.26
N PHE B 349 -10.61 -18.86 16.96
CA PHE B 349 -10.82 -17.60 16.23
C PHE B 349 -12.31 -17.27 16.27
N GLY B 350 -12.68 -16.37 17.17
CA GLY B 350 -14.06 -16.05 17.41
C GLY B 350 -14.37 -16.07 18.88
N SER B 351 -15.65 -16.21 19.20
CA SER B 351 -16.13 -16.11 20.56
C SER B 351 -16.74 -17.43 21.02
N LEU B 352 -16.97 -17.53 22.32
CA LEU B 352 -17.63 -18.67 22.93
C LEU B 352 -18.80 -18.15 23.77
N ALA B 353 -20.00 -18.65 23.50
CA ALA B 353 -21.19 -18.25 24.24
C ALA B 353 -21.96 -19.48 24.65
N PHE B 354 -22.29 -19.58 25.94
CA PHE B 354 -23.09 -20.67 26.49
C PHE B 354 -24.39 -20.08 27.02
N LEU B 355 -25.47 -20.30 26.30
CA LEU B 355 -26.80 -19.78 26.62
C LEU B 355 -27.62 -20.84 27.33
N PRO B 356 -28.78 -20.48 27.87
CA PRO B 356 -29.65 -21.52 28.46
C PRO B 356 -30.04 -22.61 27.48
N GLU B 357 -30.27 -22.28 26.21
CA GLU B 357 -30.62 -23.31 25.23
C GLU B 357 -29.45 -24.20 24.87
N SER B 358 -28.22 -23.82 25.23
CA SER B 358 -27.07 -24.69 25.00
C SER B 358 -27.19 -25.98 25.80
N PHE B 359 -27.56 -25.86 27.08
CA PHE B 359 -27.65 -27.02 27.96
C PHE B 359 -29.05 -27.61 28.03
N ASP B 360 -30.09 -26.79 27.89
CA ASP B 360 -31.44 -27.34 27.79
C ASP B 360 -31.62 -28.11 26.50
N GLY B 361 -31.11 -27.57 25.38
CA GLY B 361 -31.32 -28.17 24.09
C GLY B 361 -32.51 -27.58 23.36
N ASP B 362 -32.61 -27.90 22.07
CA ASP B 362 -33.71 -27.44 21.22
C ASP B 362 -34.42 -28.62 20.60
N PRO B 363 -35.60 -29.00 21.09
CA PRO B 363 -36.37 -30.06 20.40
C PRO B 363 -36.74 -29.71 18.97
N ALA B 364 -36.90 -28.42 18.66
CA ALA B 364 -37.32 -28.02 17.32
C ALA B 364 -36.29 -28.44 16.27
N SER B 365 -35.00 -28.26 16.57
CA SER B 365 -33.93 -28.64 15.66
C SER B 365 -33.36 -30.01 15.98
N ASN B 366 -33.95 -30.73 16.93
CA ASN B 366 -33.48 -32.05 17.36
C ASN B 366 -32.08 -31.97 17.96
N THR B 367 -31.70 -30.79 18.47
CA THR B 367 -30.39 -30.61 19.07
C THR B 367 -30.36 -31.23 20.46
N ALA B 368 -29.37 -32.09 20.70
CA ALA B 368 -29.25 -32.72 22.00
C ALA B 368 -28.70 -31.73 23.03
N PRO B 369 -29.08 -31.89 24.29
CA PRO B 369 -28.53 -31.01 25.32
C PRO B 369 -27.04 -31.23 25.51
N LEU B 370 -26.34 -30.14 25.83
CA LEU B 370 -24.94 -30.26 26.20
C LEU B 370 -24.80 -30.95 27.55
N GLN B 371 -23.77 -31.77 27.68
CA GLN B 371 -23.45 -32.44 28.92
C GLN B 371 -22.14 -31.92 29.48
N PRO B 372 -21.96 -31.98 30.81
CA PRO B 372 -20.66 -31.57 31.38
C PRO B 372 -19.50 -32.37 30.82
N GLU B 373 -19.74 -33.63 30.44
CA GLU B 373 -18.69 -34.43 29.81
C GLU B 373 -18.31 -33.88 28.44
N GLN B 374 -19.26 -33.24 27.75
CA GLN B 374 -18.99 -32.71 26.43
C GLN B 374 -18.11 -31.47 26.46
N LEU B 375 -18.10 -30.74 27.59
CA LEU B 375 -17.35 -29.49 27.66
C LEU B 375 -15.85 -29.70 27.76
N GLN B 376 -15.39 -30.93 27.96
CA GLN B 376 -13.96 -31.18 28.13
C GLN B 376 -13.14 -30.91 26.88
N VAL B 377 -13.79 -30.65 25.74
CA VAL B 377 -13.07 -30.29 24.52
C VAL B 377 -12.33 -28.96 24.64
N PHE B 378 -12.58 -28.20 25.71
CA PHE B 378 -11.91 -26.93 25.93
C PHE B 378 -10.73 -27.06 26.88
N GLU B 379 -10.29 -28.29 27.19
CA GLU B 379 -9.16 -28.47 28.09
C GLU B 379 -7.88 -27.91 27.50
N THR B 380 -7.70 -28.04 26.20
CA THR B 380 -6.51 -27.55 25.53
C THR B 380 -6.65 -26.13 25.03
N LEU B 381 -7.76 -25.46 25.32
CA LEU B 381 -8.00 -24.10 24.87
C LEU B 381 -7.18 -23.14 25.71
N GLU B 382 -6.33 -22.36 25.06
CA GLU B 382 -5.48 -21.40 25.75
C GLU B 382 -5.82 -19.95 25.47
N GLU B 383 -6.38 -19.64 24.31
CA GLU B 383 -6.62 -18.25 23.95
C GLU B 383 -7.88 -18.14 23.11
N ILE B 384 -8.72 -17.16 23.44
CA ILE B 384 -9.93 -16.84 22.68
C ILE B 384 -9.77 -15.43 22.14
N THR B 385 -9.86 -15.28 20.82
CA THR B 385 -9.71 -13.96 20.22
C THR B 385 -10.95 -13.09 20.39
N GLY B 386 -12.12 -13.71 20.51
CA GLY B 386 -13.35 -12.96 20.73
C GLY B 386 -13.65 -12.75 22.19
N TYR B 387 -14.86 -13.12 22.62
CA TYR B 387 -15.29 -12.97 24.00
C TYR B 387 -15.69 -14.33 24.56
N LEU B 388 -15.76 -14.40 25.89
CA LEU B 388 -16.29 -15.56 26.59
C LEU B 388 -17.55 -15.13 27.32
N TYR B 389 -18.71 -15.59 26.84
CA TYR B 389 -20.00 -15.25 27.42
C TYR B 389 -20.62 -16.53 27.96
N ILE B 390 -21.02 -16.50 29.23
CA ILE B 390 -21.59 -17.66 29.90
C ILE B 390 -22.82 -17.19 30.67
N SER B 391 -24.01 -17.46 30.13
CA SER B 391 -25.26 -17.20 30.82
C SER B 391 -25.89 -18.47 31.38
N ALA B 392 -25.41 -19.64 30.99
CA ALA B 392 -25.85 -20.90 31.57
C ALA B 392 -24.63 -21.79 31.78
N TRP B 393 -24.73 -22.68 32.76
CA TRP B 393 -23.65 -23.59 33.09
C TRP B 393 -24.26 -24.80 33.79
N PRO B 394 -23.73 -26.00 33.58
CA PRO B 394 -24.30 -27.17 34.26
C PRO B 394 -24.21 -27.01 35.77
N ASP B 395 -25.28 -27.41 36.46
CA ASP B 395 -25.36 -27.22 37.90
C ASP B 395 -24.50 -28.21 38.67
N SER B 396 -23.93 -29.21 37.99
CA SER B 396 -22.99 -30.13 38.62
C SER B 396 -21.57 -29.60 38.64
N LEU B 397 -21.31 -28.48 37.96
CA LEU B 397 -19.96 -27.92 37.87
C LEU B 397 -19.88 -26.66 38.71
N PRO B 398 -19.17 -26.68 39.84
CA PRO B 398 -19.10 -25.50 40.71
C PRO B 398 -18.09 -24.44 40.26
N ASP B 399 -17.51 -24.57 39.08
CA ASP B 399 -16.47 -23.65 38.65
C ASP B 399 -16.37 -23.66 37.14
N LEU B 400 -15.43 -22.89 36.61
CA LEU B 400 -15.15 -22.80 35.19
C LEU B 400 -13.87 -23.56 34.85
N SER B 401 -13.60 -24.65 35.57
CA SER B 401 -12.36 -25.39 35.42
C SER B 401 -12.20 -25.96 34.01
N VAL B 402 -13.29 -26.02 33.24
CA VAL B 402 -13.18 -26.39 31.84
C VAL B 402 -12.22 -25.46 31.11
N PHE B 403 -12.24 -24.19 31.46
CA PHE B 403 -11.31 -23.19 30.93
C PHE B 403 -10.13 -22.96 31.88
N GLN B 404 -9.64 -24.03 32.49
CA GLN B 404 -8.48 -23.91 33.38
C GLN B 404 -7.24 -23.45 32.61
N ASN B 405 -7.04 -23.99 31.41
CA ASN B 405 -5.84 -23.72 30.63
C ASN B 405 -5.99 -22.50 29.72
N LEU B 406 -7.09 -21.76 29.85
CA LEU B 406 -7.29 -20.57 29.04
C LEU B 406 -6.51 -19.40 29.62
N GLN B 407 -5.69 -18.76 28.79
CA GLN B 407 -4.81 -17.70 29.24
C GLN B 407 -5.25 -16.30 28.82
N VAL B 408 -5.69 -16.10 27.59
CA VAL B 408 -5.95 -14.78 27.05
C VAL B 408 -7.34 -14.76 26.41
N ILE B 409 -8.12 -13.73 26.71
CA ILE B 409 -9.32 -13.37 25.97
C ILE B 409 -9.06 -12.01 25.35
N ARG B 410 -8.78 -11.99 24.04
CA ARG B 410 -8.37 -10.75 23.39
C ARG B 410 -9.48 -9.71 23.41
N GLY B 411 -10.72 -10.14 23.22
CA GLY B 411 -11.81 -9.18 23.15
C GLY B 411 -11.89 -8.42 21.86
N ARG B 412 -11.33 -8.94 20.78
CA ARG B 412 -11.49 -8.30 19.48
C ARG B 412 -12.95 -8.26 19.06
N ILE B 413 -13.70 -9.30 19.40
CA ILE B 413 -15.16 -9.31 19.32
C ILE B 413 -15.70 -9.19 20.73
N LEU B 414 -16.68 -8.31 20.92
CA LEU B 414 -17.22 -8.04 22.25
C LEU B 414 -18.72 -8.29 22.25
N HIS B 415 -19.19 -8.94 23.32
CA HIS B 415 -20.61 -9.17 23.48
C HIS B 415 -21.31 -7.84 23.73
N ASN B 416 -22.30 -7.52 22.89
CA ASN B 416 -22.97 -6.22 22.88
C ASN B 416 -22.00 -5.07 22.65
N GLY B 417 -20.81 -5.36 22.13
CA GLY B 417 -19.82 -4.34 21.84
C GLY B 417 -19.05 -3.84 23.03
N ALA B 418 -19.31 -4.35 24.23
CA ALA B 418 -18.69 -3.82 25.44
C ALA B 418 -17.93 -4.85 26.25
N TYR B 419 -18.42 -6.07 26.35
CA TYR B 419 -17.90 -7.05 27.32
C TYR B 419 -17.15 -8.17 26.61
N SER B 420 -15.98 -8.52 27.15
CA SER B 420 -15.24 -9.69 26.68
C SER B 420 -15.38 -10.89 27.60
N LEU B 421 -15.79 -10.69 28.84
CA LEU B 421 -16.00 -11.77 29.80
C LEU B 421 -17.28 -11.48 30.58
N THR B 422 -18.32 -12.26 30.31
CA THR B 422 -19.61 -12.07 30.95
C THR B 422 -20.05 -13.37 31.60
N LEU B 423 -20.45 -13.29 32.87
CA LEU B 423 -20.95 -14.43 33.63
C LEU B 423 -22.19 -13.98 34.38
N GLN B 424 -23.36 -14.49 33.98
CA GLN B 424 -24.61 -14.08 34.59
C GLN B 424 -25.47 -15.30 34.93
N GLY B 425 -26.07 -15.26 36.11
CA GLY B 425 -27.04 -16.27 36.52
C GLY B 425 -26.50 -17.68 36.61
N LEU B 426 -25.29 -17.84 37.13
CA LEU B 426 -24.64 -19.14 37.23
C LEU B 426 -24.60 -19.61 38.67
N GLY B 427 -24.60 -20.92 38.86
CA GLY B 427 -24.49 -21.55 40.15
C GLY B 427 -23.08 -21.89 40.57
N ILE B 428 -22.08 -21.38 39.84
CA ILE B 428 -20.68 -21.65 40.18
C ILE B 428 -20.33 -21.00 41.50
N SER B 429 -19.52 -21.69 42.31
CA SER B 429 -19.09 -21.16 43.59
C SER B 429 -17.74 -20.44 43.52
N TRP B 430 -16.96 -20.69 42.48
CA TRP B 430 -15.70 -19.97 42.26
C TRP B 430 -15.37 -20.06 40.78
N LEU B 431 -14.40 -19.25 40.37
CA LEU B 431 -13.92 -19.26 39.00
C LEU B 431 -12.69 -20.16 38.89
N GLY B 432 -12.67 -20.98 37.86
CA GLY B 432 -11.55 -21.90 37.66
C GLY B 432 -10.55 -21.45 36.63
N LEU B 433 -10.59 -20.17 36.25
CA LEU B 433 -9.72 -19.65 35.20
C LEU B 433 -8.31 -19.44 35.74
N ARG B 434 -7.66 -20.58 36.05
CA ARG B 434 -6.35 -20.55 36.70
C ARG B 434 -5.32 -19.83 35.85
N SER B 435 -5.34 -20.05 34.55
CA SER B 435 -4.31 -19.54 33.65
C SER B 435 -4.65 -18.19 33.04
N LEU B 436 -5.82 -17.63 33.36
CA LEU B 436 -6.25 -16.38 32.73
C LEU B 436 -5.35 -15.25 33.20
N ARG B 437 -4.56 -14.70 32.28
CA ARG B 437 -3.63 -13.63 32.59
C ARG B 437 -3.91 -12.33 31.85
N GLU B 438 -4.84 -12.32 30.89
CA GLU B 438 -5.01 -11.15 30.04
C GLU B 438 -6.41 -11.07 29.47
N LEU B 439 -7.04 -9.92 29.65
CA LEU B 439 -8.26 -9.54 28.94
C LEU B 439 -7.86 -8.38 28.04
N GLY B 440 -7.62 -8.66 26.76
CA GLY B 440 -7.02 -7.67 25.89
C GLY B 440 -7.86 -6.43 25.71
N SER B 441 -9.17 -6.61 25.54
CA SER B 441 -10.07 -5.49 25.33
C SER B 441 -11.42 -5.82 25.95
N GLY B 442 -12.21 -4.79 26.18
CA GLY B 442 -13.56 -4.97 26.68
C GLY B 442 -13.62 -5.00 28.19
N LEU B 443 -14.85 -5.05 28.69
CA LEU B 443 -15.12 -5.04 30.11
C LEU B 443 -15.48 -6.44 30.59
N ALA B 444 -15.46 -6.62 31.90
CA ALA B 444 -15.86 -7.87 32.54
C ALA B 444 -17.16 -7.62 33.30
N LEU B 445 -18.18 -8.42 33.00
CA LEU B 445 -19.49 -8.29 33.63
C LEU B 445 -19.83 -9.61 34.32
N ILE B 446 -19.64 -9.65 35.63
CA ILE B 446 -20.04 -10.80 36.45
C ILE B 446 -21.17 -10.34 37.35
N HIS B 447 -22.37 -10.88 37.16
CA HIS B 447 -23.50 -10.41 37.94
C HIS B 447 -24.54 -11.51 38.13
N HIS B 448 -25.25 -11.43 39.24
CA HIS B 448 -26.36 -12.33 39.57
C HIS B 448 -25.91 -13.79 39.66
N ASN B 449 -24.70 -13.99 40.18
CA ASN B 449 -24.17 -15.32 40.50
C ASN B 449 -24.19 -15.42 42.02
N THR B 450 -25.28 -15.97 42.55
CA THR B 450 -25.53 -15.92 43.99
C THR B 450 -24.46 -16.65 44.78
N HIS B 451 -23.94 -17.75 44.25
CA HIS B 451 -22.99 -18.58 44.99
C HIS B 451 -21.53 -18.24 44.68
N LEU B 452 -21.26 -17.29 43.80
CA LEU B 452 -19.90 -17.00 43.35
C LEU B 452 -19.18 -16.16 44.41
N CYS B 453 -18.26 -16.79 45.13
CA CYS B 453 -17.59 -16.17 46.27
C CYS B 453 -16.17 -15.67 45.99
N PHE B 454 -15.63 -15.84 44.80
CA PHE B 454 -14.23 -15.49 44.57
C PHE B 454 -14.05 -14.50 43.44
N VAL B 455 -14.94 -13.49 43.37
CA VAL B 455 -14.83 -12.48 42.33
C VAL B 455 -13.72 -11.48 42.65
N HIS B 456 -13.72 -10.96 43.87
CA HIS B 456 -12.83 -9.85 44.23
C HIS B 456 -11.40 -10.29 44.53
N THR B 457 -11.19 -11.59 44.82
CA THR B 457 -9.83 -12.07 45.05
C THR B 457 -8.96 -11.94 43.80
N VAL B 458 -9.57 -12.11 42.63
CA VAL B 458 -8.84 -12.12 41.36
C VAL B 458 -8.18 -10.75 41.13
N PRO B 459 -6.95 -10.69 40.60
CA PRO B 459 -6.32 -9.40 40.28
C PRO B 459 -6.75 -8.87 38.93
N TRP B 460 -7.99 -8.37 38.88
CA TRP B 460 -8.55 -7.88 37.62
C TRP B 460 -7.69 -6.80 36.99
N ASP B 461 -7.05 -5.96 37.82
CA ASP B 461 -6.20 -4.90 37.28
C ASP B 461 -5.05 -5.46 36.45
N GLN B 462 -4.46 -6.58 36.90
CA GLN B 462 -3.42 -7.22 36.11
C GLN B 462 -3.95 -7.90 34.87
N LEU B 463 -5.23 -8.29 34.85
CA LEU B 463 -5.80 -8.90 33.67
C LEU B 463 -6.10 -7.87 32.58
N PHE B 464 -6.35 -6.62 32.96
CA PHE B 464 -6.74 -5.60 31.99
C PHE B 464 -5.50 -4.97 31.36
N ARG B 465 -5.68 -4.51 30.12
CA ARG B 465 -4.61 -3.85 29.38
C ARG B 465 -4.96 -2.42 28.98
N ASN B 466 -6.17 -1.97 29.27
CA ASN B 466 -6.61 -0.62 28.96
C ASN B 466 -7.12 0.07 30.21
N PRO B 467 -6.98 1.40 30.30
CA PRO B 467 -7.63 2.12 31.40
C PRO B 467 -9.14 2.17 31.25
N HIS B 468 -9.66 1.88 30.06
CA HIS B 468 -11.10 1.81 29.85
C HIS B 468 -11.73 0.61 30.55
N GLN B 469 -10.93 -0.42 30.85
CA GLN B 469 -11.45 -1.70 31.30
C GLN B 469 -11.68 -1.69 32.80
N ALA B 470 -12.74 -2.37 33.23
CA ALA B 470 -13.08 -2.49 34.64
C ALA B 470 -13.93 -3.73 34.83
N LEU B 471 -14.10 -4.12 36.08
CA LEU B 471 -14.99 -5.21 36.44
C LEU B 471 -16.31 -4.64 36.93
N LEU B 472 -17.40 -5.03 36.29
CA LEU B 472 -18.74 -4.64 36.70
C LEU B 472 -19.40 -5.83 37.38
N HIS B 473 -19.63 -5.72 38.68
CA HIS B 473 -20.16 -6.82 39.46
C HIS B 473 -21.31 -6.35 40.34
N THR B 474 -22.33 -7.21 40.46
CA THR B 474 -23.46 -6.94 41.33
C THR B 474 -24.20 -8.25 41.56
N ALA B 475 -24.96 -8.28 42.65
CA ALA B 475 -25.82 -9.43 42.99
C ALA B 475 -25.02 -10.74 43.02
N ASN B 476 -23.84 -10.70 43.65
CA ASN B 476 -23.04 -11.88 43.89
C ASN B 476 -22.92 -12.08 45.39
N ARG B 477 -22.46 -13.27 45.76
CA ARG B 477 -22.36 -13.67 47.16
C ARG B 477 -21.62 -12.58 47.95
N PRO B 478 -22.28 -11.95 48.94
CA PRO B 478 -21.61 -10.90 49.71
C PRO B 478 -20.32 -11.37 50.35
N GLU B 479 -19.32 -10.48 50.35
CA GLU B 479 -18.02 -10.81 50.93
C GLU B 479 -18.14 -11.17 52.41
N ASP B 480 -19.11 -10.56 53.11
CA ASP B 480 -19.34 -10.91 54.50
C ASP B 480 -19.75 -12.37 54.63
N GLU B 481 -20.63 -12.84 53.74
CA GLU B 481 -20.99 -14.25 53.72
C GLU B 481 -19.79 -15.13 53.40
N CYS B 482 -18.94 -14.67 52.48
CA CYS B 482 -17.71 -15.39 52.16
C CYS B 482 -16.86 -15.62 53.40
N VAL B 483 -16.60 -14.55 54.15
CA VAL B 483 -15.77 -14.66 55.35
C VAL B 483 -16.46 -15.54 56.39
N GLY B 484 -17.76 -15.34 56.59
CA GLY B 484 -18.47 -16.10 57.60
C GLY B 484 -18.50 -17.59 57.33
N GLU B 485 -18.59 -17.97 56.06
CA GLU B 485 -18.60 -19.38 55.70
C GLU B 485 -17.20 -19.97 55.57
N GLY B 486 -16.16 -19.14 55.53
CA GLY B 486 -14.79 -19.61 55.56
C GLY B 486 -14.11 -19.71 54.22
N LEU B 487 -14.75 -19.26 53.13
CA LEU B 487 -14.18 -19.34 51.80
C LEU B 487 -13.16 -18.22 51.57
N ALA B 488 -12.18 -18.16 52.47
CA ALA B 488 -11.11 -17.19 52.37
C ALA B 488 -10.03 -17.68 51.40
N CYS B 489 -9.14 -16.77 51.03
CA CYS B 489 -8.05 -17.11 50.14
C CYS B 489 -7.09 -18.06 50.86
N HIS B 490 -6.47 -18.95 50.08
CA HIS B 490 -5.51 -19.88 50.66
C HIS B 490 -4.29 -19.11 51.16
N GLN B 491 -3.74 -19.57 52.28
CA GLN B 491 -2.61 -18.86 52.90
C GLN B 491 -1.39 -18.84 51.98
N LEU B 492 -1.11 -19.97 51.32
CA LEU B 492 0.07 -20.05 50.47
C LEU B 492 -0.04 -19.19 49.21
N CYS B 493 -1.22 -18.65 48.91
CA CYS B 493 -1.35 -17.74 47.79
C CYS B 493 -0.57 -16.46 48.07
N ALA B 494 -0.29 -15.71 47.01
CA ALA B 494 0.47 -14.47 47.11
C ALA B 494 -0.46 -13.28 46.91
N ARG B 495 -0.34 -12.29 47.79
CA ARG B 495 -1.13 -11.06 47.74
C ARG B 495 -2.62 -11.34 47.81
N GLY B 496 -3.01 -12.43 48.45
CA GLY B 496 -4.41 -12.80 48.55
C GLY B 496 -5.11 -12.92 47.22
N HIS B 497 -4.40 -13.34 46.17
CA HIS B 497 -4.95 -13.44 44.82
C HIS B 497 -5.19 -14.90 44.51
N CYS B 498 -6.45 -15.32 44.57
CA CYS B 498 -6.86 -16.70 44.31
C CYS B 498 -8.07 -16.70 43.41
N TRP B 499 -8.04 -17.55 42.38
CA TRP B 499 -9.24 -17.78 41.58
C TRP B 499 -10.29 -18.53 42.36
N GLY B 500 -9.86 -19.44 43.23
CA GLY B 500 -10.77 -20.31 43.95
C GLY B 500 -10.14 -20.84 45.23
N PRO B 501 -10.90 -21.64 45.97
CA PRO B 501 -10.35 -22.25 47.18
C PRO B 501 -9.25 -23.26 46.86
N GLY B 502 -8.44 -23.54 47.88
CA GLY B 502 -7.41 -24.54 47.78
C GLY B 502 -6.10 -24.01 47.21
N PRO B 503 -5.02 -24.75 47.42
CA PRO B 503 -3.69 -24.26 47.05
C PRO B 503 -3.38 -24.32 45.56
N THR B 504 -4.30 -24.80 44.73
CA THR B 504 -4.05 -24.87 43.30
C THR B 504 -4.55 -23.65 42.55
N GLN B 505 -5.27 -22.74 43.21
CA GLN B 505 -5.98 -21.66 42.54
C GLN B 505 -5.30 -20.30 42.74
N CYS B 506 -4.07 -20.27 43.25
CA CYS B 506 -3.37 -19.00 43.41
C CYS B 506 -2.91 -18.46 42.07
N VAL B 507 -3.04 -17.14 41.90
CA VAL B 507 -2.52 -16.49 40.70
C VAL B 507 -1.00 -16.49 40.71
N ASN B 508 -0.42 -16.27 41.90
CA ASN B 508 1.02 -16.36 42.11
C ASN B 508 1.24 -17.09 43.42
N CYS B 509 2.24 -17.96 43.45
CA CYS B 509 2.46 -18.83 44.60
C CYS B 509 3.74 -18.37 45.30
N SER B 510 3.62 -18.07 46.60
CA SER B 510 4.73 -17.47 47.33
C SER B 510 5.93 -18.40 47.40
N GLN B 511 5.70 -19.68 47.68
CA GLN B 511 6.77 -20.66 47.73
C GLN B 511 6.93 -21.35 46.37
N PHE B 512 7.82 -22.32 46.31
CA PHE B 512 7.96 -23.10 45.08
C PHE B 512 6.69 -23.90 44.80
N LEU B 513 6.36 -24.01 43.51
CA LEU B 513 5.12 -24.61 43.05
C LEU B 513 5.34 -26.07 42.68
N ARG B 514 4.61 -26.97 43.35
CA ARG B 514 4.62 -28.40 43.03
C ARG B 514 3.49 -28.68 42.05
N GLY B 515 3.83 -28.83 40.76
CA GLY B 515 2.79 -29.02 39.78
C GLY B 515 1.95 -27.76 39.63
N GLN B 516 0.64 -27.89 39.84
CA GLN B 516 -0.26 -26.75 39.90
C GLN B 516 -0.63 -26.40 41.33
N GLU B 517 -0.16 -27.16 42.31
CA GLU B 517 -0.49 -26.96 43.72
C GLU B 517 0.62 -26.16 44.39
N CYS B 518 0.27 -25.01 44.95
CA CYS B 518 1.22 -24.23 45.72
C CYS B 518 1.48 -24.90 47.06
N VAL B 519 2.73 -25.29 47.30
CA VAL B 519 3.12 -26.01 48.51
C VAL B 519 4.01 -25.12 49.36
N GLU B 520 4.01 -25.38 50.66
CA GLU B 520 4.86 -24.66 51.60
C GLU B 520 6.34 -24.86 51.26
#